data_7Q6Y
#
_entry.id   7Q6Y
#
_cell.length_a   90.675
_cell.length_b   95.003
_cell.length_c   131.586
_cell.angle_alpha   90.00
_cell.angle_beta   90.00
_cell.angle_gamma   90.00
#
_symmetry.space_group_name_H-M   'P 21 21 21'
#
loop_
_entity.id
_entity.type
_entity.pdbx_description
1 polymer 'Alpha/beta hydrolase'
2 non-polymer DI(HYDROXYETHYL)ETHER
3 non-polymer 1,2-ETHANEDIOL
4 water water
#
_entity_poly.entity_id   1
_entity_poly.type   'polypeptide(L)'
_entity_poly.pdbx_seq_one_letter_code
;MLIFDDKNYKVDTCNIDGISIKFRSFKEILYCEKPVDSIQKMNIFVPEVYYEGNTINGYSLHTAPIFMPNTVGGYMPGPA
DEPGKDFKGRINSIFRALKHGYIVVSAGVRGRTSGVKTNEFFVGSKAGEISNENGKMVGRAPALVVDMKAAIRYLRYNKG
RIPGNTECIVTNGTSAGGALSAIIGASGNSEDYNPYLKEIGAADERDDIFAASCYCPIHNLENADAAYEWQFCGYNDYHR
IKHVRSESGVKNIQIDGILTEKQIKISEELKRLFPKYLNSLKLKDSSNNELLLDENGEGSFKEYIKKLVINSAQKELDLC
STYKIIDNAAVCGSKIDEQEYLSIEDEKVVDINWDGFIKKITRMKVAPAFDALDLKSPENEEFGTEAIKAKHFTAYSQEH
SEVEGTLADPKIIKLLNPIEYINNSDTAKYWRVRHGAFDRDISLAMPSILSLTLENNGYVVDFSLPWGIPHSGDYDLDDL
FAWIDEIYTK
;
_entity_poly.pdbx_strand_id   A,B
#
loop_
_chem_comp.id
_chem_comp.type
_chem_comp.name
_chem_comp.formula
EDO non-polymer 1,2-ETHANEDIOL 'C2 H6 O2'
PEG non-polymer DI(HYDROXYETHYL)ETHER 'C4 H10 O3'
#
# COMPACT_ATOMS: atom_id res chain seq x y z
N MET A 1 -28.68 -8.15 -1.46
CA MET A 1 -27.45 -8.94 -1.51
C MET A 1 -26.74 -8.66 -2.84
N LEU A 2 -25.43 -8.85 -2.86
CA LEU A 2 -24.58 -8.32 -3.93
C LEU A 2 -23.99 -9.40 -4.83
N ILE A 3 -24.63 -10.57 -4.89
CA ILE A 3 -24.07 -11.68 -5.66
C ILE A 3 -24.38 -11.50 -7.14
N PHE A 4 -23.33 -11.50 -7.95
CA PHE A 4 -23.50 -11.25 -9.39
C PHE A 4 -24.20 -12.42 -10.07
N ASP A 5 -25.10 -12.09 -10.98
CA ASP A 5 -25.90 -13.07 -11.71
C ASP A 5 -25.38 -13.19 -13.14
N ASP A 6 -24.55 -14.21 -13.42
CA ASP A 6 -24.08 -14.33 -14.80
C ASP A 6 -25.18 -14.75 -15.77
N LYS A 7 -26.41 -14.98 -15.31
CA LYS A 7 -27.50 -15.37 -16.21
C LYS A 7 -28.43 -14.22 -16.55
N ASN A 8 -28.50 -13.15 -15.75
CA ASN A 8 -29.41 -12.04 -16.06
C ASN A 8 -28.78 -11.11 -17.08
N TYR A 9 -28.94 -11.45 -18.36
CA TYR A 9 -28.25 -10.69 -19.38
C TYR A 9 -29.02 -10.69 -20.69
N LYS A 10 -28.63 -9.76 -21.55
CA LYS A 10 -29.15 -9.63 -22.90
C LYS A 10 -27.95 -9.61 -23.86
N VAL A 11 -28.14 -10.16 -25.05
CA VAL A 11 -27.12 -10.10 -26.09
C VAL A 11 -27.57 -9.08 -27.11
N ASP A 12 -26.75 -8.07 -27.36
CA ASP A 12 -27.11 -6.85 -28.09
C ASP A 12 -26.15 -6.64 -29.25
N THR A 13 -26.64 -5.90 -30.26
CA THR A 13 -25.79 -5.47 -31.37
C THR A 13 -25.93 -3.96 -31.51
N CYS A 14 -24.79 -3.28 -31.69
CA CYS A 14 -24.73 -1.86 -31.99
C CYS A 14 -24.00 -1.68 -33.32
N ASN A 15 -24.65 -1.00 -34.27
CA ASN A 15 -24.07 -0.70 -35.57
C ASN A 15 -24.06 0.81 -35.76
N ILE A 16 -22.91 1.37 -36.12
CA ILE A 16 -22.76 2.82 -36.27
C ILE A 16 -21.83 3.09 -37.44
N ASP A 17 -22.31 3.87 -38.42
CA ASP A 17 -21.53 4.14 -39.63
C ASP A 17 -21.08 2.85 -40.32
N GLY A 18 -21.84 1.77 -40.18
CA GLY A 18 -21.45 0.50 -40.76
C GLY A 18 -20.44 -0.29 -39.95
N ILE A 19 -20.18 0.09 -38.70
CA ILE A 19 -19.27 -0.62 -37.82
C ILE A 19 -20.10 -1.27 -36.74
N SER A 20 -19.95 -2.59 -36.57
CA SER A 20 -20.81 -3.39 -35.70
C SER A 20 -20.01 -4.02 -34.56
N ILE A 21 -20.62 -4.04 -33.37
CA ILE A 21 -20.13 -4.86 -32.28
C ILE A 21 -21.28 -5.74 -31.78
N LYS A 22 -20.93 -6.90 -31.22
CA LYS A 22 -21.89 -7.79 -30.60
C LYS A 22 -21.43 -8.07 -29.18
N PHE A 23 -22.32 -7.84 -28.22
CA PHE A 23 -21.88 -7.88 -26.83
C PHE A 23 -22.99 -8.37 -25.93
N ARG A 24 -22.56 -8.97 -24.82
CA ARG A 24 -23.44 -9.33 -23.71
C ARG A 24 -23.49 -8.16 -22.74
N SER A 25 -24.68 -7.86 -22.23
CA SER A 25 -24.87 -6.73 -21.36
C SER A 25 -25.64 -7.13 -20.13
N PHE A 26 -25.15 -6.67 -18.98
CA PHE A 26 -25.75 -6.86 -17.67
C PHE A 26 -26.02 -5.46 -17.14
N LYS A 27 -27.27 -5.01 -17.23
CA LYS A 27 -27.60 -3.60 -17.06
C LYS A 27 -28.33 -3.35 -15.75
N GLU A 28 -28.09 -2.16 -15.20
CA GLU A 28 -28.80 -1.66 -14.00
C GLU A 28 -28.49 -2.48 -12.76
N ILE A 29 -27.21 -2.84 -12.58
CA ILE A 29 -26.80 -3.62 -11.42
C ILE A 29 -26.58 -2.68 -10.24
N LEU A 30 -27.26 -2.96 -9.13
CA LEU A 30 -27.03 -2.25 -7.87
C LEU A 30 -25.71 -2.72 -7.26
N TYR A 31 -24.76 -1.80 -7.06
CA TYR A 31 -23.45 -2.21 -6.56
C TYR A 31 -23.26 -2.03 -5.05
N CYS A 32 -24.26 -1.52 -4.33
CA CYS A 32 -24.14 -1.47 -2.87
C CYS A 32 -25.47 -1.88 -2.26
N GLU A 33 -25.46 -2.17 -0.96
CA GLU A 33 -26.62 -2.74 -0.29
C GLU A 33 -27.59 -1.70 0.25
N LYS A 34 -27.14 -0.47 0.48
CA LYS A 34 -27.99 0.61 0.98
C LYS A 34 -27.78 1.85 0.12
N PRO A 35 -28.26 1.83 -1.12
CA PRO A 35 -28.12 2.99 -2.00
C PRO A 35 -29.02 4.14 -1.54
N VAL A 36 -28.56 5.37 -1.77
CA VAL A 36 -29.34 6.57 -1.45
C VAL A 36 -29.83 7.31 -2.69
N ASP A 37 -29.45 6.86 -3.89
CA ASP A 37 -29.88 7.52 -5.12
C ASP A 37 -29.98 6.48 -6.22
N SER A 38 -30.98 6.62 -7.07
CA SER A 38 -31.18 5.71 -8.20
C SER A 38 -29.97 5.67 -9.12
N ILE A 39 -29.09 6.66 -9.05
CA ILE A 39 -27.95 6.70 -9.98
C ILE A 39 -26.93 5.62 -9.65
N GLN A 40 -26.91 5.09 -8.42
CA GLN A 40 -25.88 4.14 -7.99
C GLN A 40 -26.17 2.76 -8.58
N LYS A 41 -25.89 2.64 -9.88
CA LYS A 41 -26.08 1.41 -10.61
C LYS A 41 -25.00 1.35 -11.70
N MET A 42 -24.61 0.13 -12.09
CA MET A 42 -23.58 -0.09 -13.10
C MET A 42 -24.06 -1.03 -14.20
N ASN A 43 -23.50 -0.86 -15.39
CA ASN A 43 -23.64 -1.76 -16.52
C ASN A 43 -22.31 -2.44 -16.82
N ILE A 44 -22.38 -3.71 -17.24
CA ILE A 44 -21.21 -4.50 -17.62
C ILE A 44 -21.41 -4.98 -19.05
N PHE A 45 -20.39 -4.78 -19.88
CA PHE A 45 -20.47 -5.13 -21.29
C PHE A 45 -19.29 -6.02 -21.64
N VAL A 46 -19.56 -7.11 -22.36
CA VAL A 46 -18.56 -8.15 -22.69
C VAL A 46 -18.62 -8.49 -24.18
N PRO A 47 -17.49 -8.48 -24.90
CA PRO A 47 -17.50 -8.96 -26.28
C PRO A 47 -18.05 -10.38 -26.33
N GLU A 48 -19.11 -10.58 -27.12
CA GLU A 48 -19.91 -11.80 -27.07
C GLU A 48 -19.13 -13.03 -27.53
N VAL A 49 -18.23 -12.87 -28.52
CA VAL A 49 -17.42 -13.98 -29.00
C VAL A 49 -16.60 -14.63 -27.88
N TYR A 50 -16.32 -13.90 -26.80
CA TYR A 50 -15.54 -14.49 -25.71
C TYR A 50 -16.21 -15.74 -25.17
N TYR A 51 -17.53 -15.81 -25.25
CA TYR A 51 -18.26 -16.94 -24.71
C TYR A 51 -18.24 -18.16 -25.63
N GLU A 52 -17.63 -18.03 -26.82
CA GLU A 52 -17.34 -19.15 -27.71
C GLU A 52 -15.85 -19.47 -27.74
N GLY A 53 -15.09 -19.01 -26.75
CA GLY A 53 -13.66 -19.31 -26.73
C GLY A 53 -12.82 -18.52 -27.71
N ASN A 54 -13.35 -17.45 -28.29
CA ASN A 54 -12.55 -16.58 -29.14
C ASN A 54 -11.60 -15.71 -28.29
N THR A 55 -10.57 -15.19 -28.97
CA THR A 55 -9.65 -14.21 -28.41
C THR A 55 -9.73 -12.91 -29.22
N ILE A 56 -9.40 -11.78 -28.59
CA ILE A 56 -9.37 -10.48 -29.26
C ILE A 56 -8.11 -9.77 -28.81
N ASN A 57 -7.23 -9.48 -29.77
CA ASN A 57 -5.91 -8.91 -29.45
C ASN A 57 -5.16 -9.78 -28.43
N GLY A 58 -5.43 -11.10 -28.45
CA GLY A 58 -4.82 -12.02 -27.53
C GLY A 58 -5.53 -12.18 -26.20
N TYR A 59 -6.61 -11.43 -25.98
CA TYR A 59 -7.35 -11.50 -24.72
C TYR A 59 -8.48 -12.53 -24.80
N SER A 60 -8.76 -13.15 -23.67
CA SER A 60 -9.83 -14.12 -23.53
C SER A 60 -10.84 -13.58 -22.52
N LEU A 61 -11.96 -14.30 -22.41
CA LEU A 61 -12.98 -14.01 -21.42
C LEU A 61 -12.41 -13.58 -20.06
N HIS A 62 -11.54 -14.39 -19.46
CA HIS A 62 -11.10 -14.11 -18.09
C HIS A 62 -9.79 -13.34 -18.01
N THR A 63 -9.11 -13.08 -19.13
CA THR A 63 -7.85 -12.37 -19.09
C THR A 63 -7.94 -10.91 -19.55
N ALA A 64 -9.03 -10.51 -20.22
CA ALA A 64 -9.09 -9.15 -20.79
C ALA A 64 -9.11 -8.09 -19.68
N PRO A 65 -8.40 -6.99 -19.87
CA PRO A 65 -8.53 -5.86 -18.93
C PRO A 65 -9.98 -5.40 -18.82
N ILE A 66 -10.30 -4.77 -17.70
CA ILE A 66 -11.62 -4.18 -17.47
C ILE A 66 -11.47 -2.66 -17.53
N PHE A 67 -12.04 -2.07 -18.56
CA PHE A 67 -12.03 -0.62 -18.78
C PHE A 67 -13.21 0.00 -18.05
N MET A 68 -12.95 1.01 -17.22
CA MET A 68 -13.95 1.69 -16.42
C MET A 68 -13.96 3.20 -16.73
N PRO A 69 -14.57 3.61 -17.83
CA PRO A 69 -14.77 5.05 -18.06
C PRO A 69 -15.87 5.59 -17.18
N ASN A 70 -15.73 6.85 -16.73
CA ASN A 70 -16.83 7.49 -16.00
C ASN A 70 -17.38 8.68 -16.79
N THR A 71 -18.59 9.12 -16.45
CA THR A 71 -19.26 10.18 -17.20
C THR A 71 -19.32 11.51 -16.43
N VAL A 72 -18.52 11.67 -15.37
CA VAL A 72 -18.62 12.87 -14.55
C VAL A 72 -18.03 14.07 -15.27
N GLY A 73 -18.76 15.18 -15.25
CA GLY A 73 -18.23 16.47 -15.67
C GLY A 73 -18.75 17.55 -14.74
N GLY A 74 -17.91 18.57 -14.52
CA GLY A 74 -18.20 19.66 -13.61
C GLY A 74 -18.68 19.25 -12.23
N TYR A 75 -18.31 18.05 -11.80
CA TYR A 75 -18.72 17.46 -10.52
C TYR A 75 -20.22 17.27 -10.44
N MET A 76 -20.86 17.18 -11.60
CA MET A 76 -22.25 16.80 -11.81
C MET A 76 -22.41 15.28 -11.64
N PRO A 77 -23.63 14.79 -11.42
CA PRO A 77 -23.86 13.33 -11.42
C PRO A 77 -23.39 12.67 -12.71
N GLY A 78 -22.94 11.42 -12.60
CA GLY A 78 -22.36 10.74 -13.73
C GLY A 78 -22.97 9.37 -13.94
N PRO A 79 -24.01 9.30 -14.78
CA PRO A 79 -24.83 8.09 -14.85
C PRO A 79 -24.21 7.04 -15.76
N ALA A 80 -24.59 5.80 -15.50
CA ALA A 80 -24.06 4.68 -16.28
C ALA A 80 -24.43 4.86 -17.74
N ASP A 81 -23.56 4.38 -18.61
CA ASP A 81 -23.60 4.62 -20.04
C ASP A 81 -23.66 3.26 -20.76
N GLU A 82 -23.61 3.32 -22.09
CA GLU A 82 -23.76 2.14 -22.93
C GLU A 82 -23.06 2.44 -24.24
N PRO A 83 -22.80 1.42 -25.09
CA PRO A 83 -22.15 1.70 -26.38
C PRO A 83 -23.03 2.63 -27.21
N GLY A 84 -22.40 3.50 -27.99
CA GLY A 84 -23.14 4.41 -28.87
C GLY A 84 -22.36 5.69 -29.17
N LYS A 85 -23.10 6.76 -29.46
CA LYS A 85 -22.53 8.06 -29.77
C LYS A 85 -22.65 8.99 -28.58
N ASP A 86 -21.63 9.82 -28.39
CA ASP A 86 -21.56 10.73 -27.25
C ASP A 86 -22.18 12.08 -27.64
N PHE A 87 -22.10 13.06 -26.72
CA PHE A 87 -22.75 14.35 -26.92
C PHE A 87 -22.17 15.15 -28.08
N LYS A 88 -21.03 14.76 -28.62
CA LYS A 88 -20.45 15.39 -29.80
C LYS A 88 -20.62 14.55 -31.06
N GLY A 89 -21.44 13.50 -31.02
CA GLY A 89 -21.71 12.68 -32.18
C GLY A 89 -20.63 11.69 -32.56
N ARG A 90 -19.58 11.54 -31.74
CA ARG A 90 -18.53 10.59 -32.08
C ARG A 90 -18.76 9.23 -31.39
N ILE A 91 -18.26 8.16 -32.01
CA ILE A 91 -18.40 6.81 -31.45
C ILE A 91 -17.66 6.73 -30.14
N ASN A 92 -18.34 6.26 -29.09
CA ASN A 92 -17.84 6.50 -27.74
C ASN A 92 -16.83 5.43 -27.28
N SER A 93 -16.25 5.68 -26.10
N SER A 93 -16.24 5.68 -26.10
CA SER A 93 -15.17 4.83 -25.62
CA SER A 93 -15.15 4.81 -25.65
C SER A 93 -15.65 3.41 -25.35
C SER A 93 -15.65 3.40 -25.33
N ILE A 94 -16.86 3.27 -24.81
CA ILE A 94 -17.39 1.93 -24.51
C ILE A 94 -17.44 1.06 -25.77
N PHE A 95 -17.97 1.62 -26.85
CA PHE A 95 -18.01 0.91 -28.13
C PHE A 95 -16.61 0.54 -28.60
N ARG A 96 -15.69 1.50 -28.58
CA ARG A 96 -14.38 1.23 -29.15
C ARG A 96 -13.54 0.32 -28.24
N ALA A 97 -13.80 0.32 -26.94
CA ALA A 97 -13.08 -0.59 -26.06
C ALA A 97 -13.54 -2.03 -26.25
N LEU A 98 -14.86 -2.25 -26.36
CA LEU A 98 -15.39 -3.58 -26.64
C LEU A 98 -14.85 -4.14 -27.95
N LYS A 99 -14.87 -3.33 -29.00
CA LYS A 99 -14.27 -3.77 -30.24
C LYS A 99 -12.78 -4.05 -30.08
N HIS A 100 -12.09 -3.36 -29.15
CA HIS A 100 -10.69 -3.64 -28.92
C HIS A 100 -10.48 -4.89 -28.07
N GLY A 101 -11.50 -5.34 -27.34
CA GLY A 101 -11.46 -6.57 -26.60
C GLY A 101 -11.50 -6.44 -25.09
N TYR A 102 -11.87 -5.28 -24.56
CA TYR A 102 -11.92 -5.13 -23.11
C TYR A 102 -13.32 -5.47 -22.63
N ILE A 103 -13.39 -5.97 -21.41
CA ILE A 103 -14.62 -5.86 -20.63
C ILE A 103 -14.77 -4.39 -20.27
N VAL A 104 -15.99 -3.85 -20.38
CA VAL A 104 -16.27 -2.46 -20.05
C VAL A 104 -17.26 -2.42 -18.90
N VAL A 105 -16.90 -1.74 -17.83
CA VAL A 105 -17.80 -1.54 -16.69
C VAL A 105 -18.06 -0.04 -16.54
N SER A 106 -19.31 0.36 -16.73
CA SER A 106 -19.72 1.77 -16.71
C SER A 106 -20.58 1.98 -15.48
N ALA A 107 -20.05 2.69 -14.47
CA ALA A 107 -20.70 2.77 -13.17
C ALA A 107 -21.23 4.18 -12.94
N GLY A 108 -22.52 4.29 -12.61
CA GLY A 108 -23.08 5.59 -12.29
C GLY A 108 -22.66 6.05 -10.89
N VAL A 109 -22.43 7.36 -10.74
CA VAL A 109 -21.96 7.92 -9.47
C VAL A 109 -22.71 9.20 -9.15
N ARG A 110 -23.03 9.38 -7.87
CA ARG A 110 -23.70 10.59 -7.42
C ARG A 110 -22.85 11.82 -7.75
N GLY A 111 -23.53 12.97 -7.72
CA GLY A 111 -22.92 14.26 -7.98
C GLY A 111 -23.63 15.34 -7.18
N ARG A 112 -23.13 16.58 -7.33
CA ARG A 112 -23.51 17.66 -6.42
C ARG A 112 -24.99 18.03 -6.48
N THR A 113 -25.70 17.69 -7.54
CA THR A 113 -27.13 17.97 -7.64
C THR A 113 -28.00 16.74 -7.43
N SER A 114 -27.48 15.68 -6.79
CA SER A 114 -28.25 14.47 -6.57
C SER A 114 -29.26 14.69 -5.44
N GLY A 115 -30.52 14.39 -5.71
CA GLY A 115 -31.56 14.46 -4.68
C GLY A 115 -32.72 15.38 -5.03
N LYS A 136 -33.10 16.53 -0.54
CA LYS A 136 -31.86 16.14 0.14
C LYS A 136 -30.72 15.91 -0.82
N MET A 137 -29.66 16.70 -0.68
CA MET A 137 -28.48 16.61 -1.53
C MET A 137 -27.52 15.58 -0.97
N VAL A 138 -27.54 14.39 -1.57
CA VAL A 138 -26.75 13.24 -1.13
C VAL A 138 -25.49 13.01 -1.96
N GLY A 139 -25.25 13.83 -2.97
CA GLY A 139 -24.10 13.61 -3.82
C GLY A 139 -22.98 14.63 -3.73
N ARG A 140 -22.84 15.31 -2.60
CA ARG A 140 -21.67 16.18 -2.47
C ARG A 140 -20.47 15.36 -2.01
N ALA A 141 -19.31 15.98 -2.08
CA ALA A 141 -18.05 15.37 -1.67
C ALA A 141 -18.22 14.62 -0.36
N PRO A 142 -17.72 13.37 -0.26
CA PRO A 142 -16.91 12.70 -1.28
C PRO A 142 -17.67 11.71 -2.17
N ALA A 143 -18.98 11.92 -2.41
CA ALA A 143 -19.83 10.87 -2.96
C ALA A 143 -19.23 10.23 -4.22
N LEU A 144 -18.81 11.06 -5.18
CA LEU A 144 -18.38 10.50 -6.47
C LEU A 144 -17.24 9.51 -6.31
N VAL A 145 -16.34 9.72 -5.34
CA VAL A 145 -15.22 8.81 -5.13
C VAL A 145 -15.70 7.55 -4.42
N VAL A 146 -16.49 7.72 -3.36
CA VAL A 146 -17.03 6.57 -2.64
C VAL A 146 -17.74 5.64 -3.61
N ASP A 147 -18.55 6.21 -4.50
CA ASP A 147 -19.35 5.41 -5.40
C ASP A 147 -18.47 4.60 -6.35
N MET A 148 -17.43 5.22 -6.91
CA MET A 148 -16.51 4.46 -7.77
C MET A 148 -15.87 3.32 -7.01
N LYS A 149 -15.39 3.59 -5.79
CA LYS A 149 -14.76 2.55 -4.99
C LYS A 149 -15.71 1.39 -4.74
N ALA A 150 -16.98 1.70 -4.46
CA ALA A 150 -17.94 0.65 -4.18
C ALA A 150 -18.19 -0.22 -5.43
N ALA A 151 -18.28 0.41 -6.59
CA ALA A 151 -18.40 -0.34 -7.83
C ALA A 151 -17.25 -1.32 -7.99
N ILE A 152 -16.02 -0.83 -7.85
CA ILE A 152 -14.83 -1.67 -7.92
C ILE A 152 -14.92 -2.79 -6.88
N ARG A 153 -15.40 -2.47 -5.69
CA ARG A 153 -15.49 -3.47 -4.64
C ARG A 153 -16.51 -4.56 -5.00
N TYR A 154 -17.60 -4.17 -5.66
CA TYR A 154 -18.56 -5.15 -6.15
C TYR A 154 -17.92 -6.12 -7.12
N LEU A 155 -17.12 -5.60 -8.04
CA LEU A 155 -16.48 -6.47 -9.05
C LEU A 155 -15.57 -7.46 -8.31
N ARG A 156 -14.85 -6.98 -7.29
CA ARG A 156 -13.90 -7.83 -6.59
C ARG A 156 -14.60 -8.84 -5.71
N TYR A 157 -15.72 -8.44 -5.09
CA TYR A 157 -16.51 -9.38 -4.32
C TYR A 157 -16.96 -10.55 -5.19
N ASN A 158 -17.07 -10.35 -6.50
CA ASN A 158 -17.61 -11.36 -7.42
C ASN A 158 -16.57 -11.82 -8.43
N LYS A 159 -15.28 -11.69 -8.11
CA LYS A 159 -14.17 -12.10 -9.00
C LYS A 159 -14.41 -13.41 -9.74
N GLY A 160 -14.91 -14.43 -9.03
CA GLY A 160 -15.12 -15.72 -9.66
C GLY A 160 -16.26 -15.77 -10.66
N ARG A 161 -17.21 -14.83 -10.58
CA ARG A 161 -18.37 -14.84 -11.46
C ARG A 161 -18.36 -13.73 -12.50
N ILE A 162 -17.52 -12.71 -12.33
CA ILE A 162 -17.48 -11.53 -13.19
C ILE A 162 -16.58 -11.83 -14.38
N PRO A 163 -16.95 -11.42 -15.59
CA PRO A 163 -16.02 -11.52 -16.72
C PRO A 163 -14.86 -10.52 -16.60
N GLY A 164 -13.78 -10.79 -17.34
CA GLY A 164 -12.63 -9.91 -17.29
C GLY A 164 -11.75 -10.14 -16.07
N ASN A 165 -10.63 -9.43 -16.05
CA ASN A 165 -9.61 -9.57 -15.01
C ASN A 165 -9.65 -8.35 -14.07
N THR A 166 -10.06 -8.57 -12.81
CA THR A 166 -10.11 -7.48 -11.84
C THR A 166 -8.74 -7.06 -11.32
N GLU A 167 -7.67 -7.74 -11.75
CA GLU A 167 -6.32 -7.29 -11.46
C GLU A 167 -5.84 -6.34 -12.54
N CYS A 168 -6.66 -6.07 -13.55
N CYS A 168 -6.66 -6.05 -13.54
CA CYS A 168 -6.32 -5.17 -14.66
CA CYS A 168 -6.29 -5.14 -14.63
C CYS A 168 -7.46 -4.18 -14.87
C CYS A 168 -7.43 -4.17 -14.88
N ILE A 169 -7.78 -3.43 -13.82
CA ILE A 169 -8.82 -2.40 -13.88
C ILE A 169 -8.18 -1.08 -14.29
N VAL A 170 -8.71 -0.48 -15.35
CA VAL A 170 -8.18 0.76 -15.91
C VAL A 170 -9.28 1.80 -15.88
N THR A 171 -9.09 2.87 -15.10
CA THR A 171 -10.07 3.95 -15.07
C THR A 171 -9.76 5.02 -16.12
N ASN A 172 -10.79 5.75 -16.53
CA ASN A 172 -10.63 6.79 -17.54
C ASN A 172 -11.70 7.85 -17.32
N GLY A 173 -11.31 9.12 -17.48
CA GLY A 173 -12.24 10.23 -17.34
C GLY A 173 -11.62 11.50 -17.89
N THR A 174 -12.49 12.50 -18.08
CA THR A 174 -12.11 13.82 -18.55
C THR A 174 -12.57 14.88 -17.56
N SER A 175 -11.67 15.84 -17.27
CA SER A 175 -12.00 17.03 -16.50
C SER A 175 -12.28 16.62 -15.07
N ALA A 176 -13.45 16.93 -14.52
CA ALA A 176 -13.75 16.41 -13.20
C ALA A 176 -13.65 14.89 -13.20
N GLY A 177 -14.05 14.24 -14.30
CA GLY A 177 -13.97 12.80 -14.37
C GLY A 177 -12.55 12.29 -14.44
N GLY A 178 -11.64 13.09 -14.99
CA GLY A 178 -10.23 12.77 -14.92
C GLY A 178 -9.68 12.87 -13.52
N ALA A 179 -10.23 13.78 -12.70
CA ALA A 179 -9.84 13.85 -11.30
C ALA A 179 -10.32 12.62 -10.54
N LEU A 180 -11.55 12.16 -10.82
CA LEU A 180 -12.06 10.96 -10.16
C LEU A 180 -11.19 9.75 -10.50
N SER A 181 -10.72 9.66 -11.74
CA SER A 181 -9.79 8.61 -12.10
C SER A 181 -8.51 8.70 -11.28
N ALA A 182 -7.98 9.93 -11.09
CA ALA A 182 -6.74 10.15 -10.37
C ALA A 182 -6.88 9.80 -8.88
N ILE A 183 -7.96 10.28 -8.25
CA ILE A 183 -8.19 9.94 -6.85
C ILE A 183 -8.29 8.43 -6.68
N ILE A 184 -9.02 7.75 -7.58
CA ILE A 184 -9.18 6.29 -7.46
C ILE A 184 -7.84 5.59 -7.62
N GLY A 185 -7.03 6.04 -8.59
CA GLY A 185 -5.72 5.46 -8.78
C GLY A 185 -4.73 5.76 -7.66
N ALA A 186 -4.89 6.89 -6.96
CA ALA A 186 -3.95 7.30 -5.93
C ALA A 186 -4.29 6.78 -4.54
N SER A 187 -5.57 6.61 -4.22
CA SER A 187 -5.99 6.40 -2.84
C SER A 187 -6.38 4.95 -2.54
N GLY A 188 -5.89 3.99 -3.32
CA GLY A 188 -6.23 2.59 -3.11
C GLY A 188 -6.21 2.15 -1.66
N ASN A 189 -7.36 1.68 -1.17
CA ASN A 189 -7.48 1.02 0.14
C ASN A 189 -7.26 1.95 1.32
N SER A 190 -7.32 3.26 1.13
CA SER A 190 -7.23 4.16 2.26
C SER A 190 -8.44 4.02 3.16
N GLU A 191 -8.19 4.03 4.47
CA GLU A 191 -9.24 3.91 5.46
C GLU A 191 -10.05 5.19 5.65
N ASP A 192 -9.56 6.30 5.07
CA ASP A 192 -10.33 7.56 5.11
C ASP A 192 -11.74 7.39 4.59
N TYR A 193 -11.94 6.52 3.60
CA TYR A 193 -13.23 6.35 2.96
C TYR A 193 -14.16 5.36 3.65
N ASN A 194 -13.62 4.56 4.59
CA ASN A 194 -14.38 3.48 5.22
C ASN A 194 -15.73 3.91 5.78
N PRO A 195 -15.85 5.00 6.56
CA PRO A 195 -17.17 5.35 7.09
C PRO A 195 -18.23 5.59 6.02
N TYR A 196 -17.87 6.25 4.91
CA TYR A 196 -18.85 6.47 3.85
C TYR A 196 -19.21 5.17 3.13
N LEU A 197 -18.25 4.28 2.92
CA LEU A 197 -18.58 3.03 2.26
C LEU A 197 -19.50 2.18 3.13
N LYS A 198 -19.23 2.13 4.43
CA LYS A 198 -20.13 1.43 5.33
C LYS A 198 -21.54 2.03 5.28
N GLU A 199 -21.64 3.35 5.08
CA GLU A 199 -22.94 4.01 5.08
C GLU A 199 -23.83 3.47 3.96
N ILE A 200 -23.28 3.36 2.75
CA ILE A 200 -24.07 2.91 1.61
C ILE A 200 -24.02 1.39 1.50
N GLY A 201 -23.52 0.73 2.54
CA GLY A 201 -23.45 -0.73 2.53
C GLY A 201 -22.67 -1.30 1.36
N ALA A 202 -21.45 -0.83 1.15
CA ALA A 202 -20.61 -1.37 0.10
C ALA A 202 -19.92 -2.66 0.57
N ALA A 203 -19.48 -3.46 -0.40
CA ALA A 203 -18.78 -4.69 -0.08
C ALA A 203 -17.45 -4.39 0.62
N ASP A 204 -17.05 -5.32 1.49
CA ASP A 204 -15.78 -5.20 2.21
C ASP A 204 -14.69 -5.88 1.39
N GLU A 205 -14.01 -5.10 0.56
CA GLU A 205 -13.03 -5.61 -0.39
C GLU A 205 -12.03 -4.50 -0.68
N ARG A 206 -10.96 -4.86 -1.37
CA ARG A 206 -9.99 -3.86 -1.79
C ARG A 206 -10.52 -3.10 -2.99
N ASP A 207 -10.12 -1.81 -3.08
CA ASP A 207 -10.58 -0.94 -4.16
C ASP A 207 -9.42 -0.28 -4.89
N ASP A 208 -8.25 -0.90 -4.89
CA ASP A 208 -7.17 -0.37 -5.72
C ASP A 208 -7.31 -0.88 -7.15
N ILE A 209 -6.60 -0.23 -8.07
CA ILE A 209 -6.71 -0.54 -9.50
C ILE A 209 -5.30 -0.67 -10.09
N PHE A 210 -5.25 -1.21 -11.30
CA PHE A 210 -3.99 -1.49 -11.98
C PHE A 210 -3.40 -0.24 -12.64
N ALA A 211 -4.24 0.62 -13.23
CA ALA A 211 -3.77 1.74 -14.03
C ALA A 211 -4.83 2.83 -14.07
N ALA A 212 -4.38 4.10 -14.08
CA ALA A 212 -5.29 5.25 -14.11
C ALA A 212 -4.98 6.13 -15.31
N SER A 213 -6.01 6.41 -16.12
CA SER A 213 -5.89 7.34 -17.24
C SER A 213 -6.69 8.60 -16.95
N CYS A 214 -6.08 9.77 -17.15
CA CYS A 214 -6.71 11.03 -16.75
C CYS A 214 -6.54 12.05 -17.87
N TYR A 215 -7.64 12.62 -18.38
CA TYR A 215 -7.59 13.76 -19.28
C TYR A 215 -7.94 15.05 -18.54
N CYS A 216 -7.08 16.09 -18.69
CA CYS A 216 -7.17 17.39 -18.01
C CYS A 216 -7.87 17.31 -16.66
N PRO A 217 -7.36 16.50 -15.73
CA PRO A 217 -8.05 16.35 -14.44
C PRO A 217 -8.12 17.65 -13.64
N ILE A 218 -9.33 17.99 -13.18
CA ILE A 218 -9.57 19.21 -12.41
C ILE A 218 -9.56 18.81 -10.93
N HIS A 219 -8.38 18.92 -10.31
CA HIS A 219 -8.11 18.28 -9.02
C HIS A 219 -7.17 19.19 -8.23
N ASN A 220 -6.88 18.82 -6.97
CA ASN A 220 -6.02 19.64 -6.10
C ASN A 220 -6.69 21.01 -5.93
N LEU A 221 -7.97 20.97 -5.61
CA LEU A 221 -8.81 22.15 -5.75
C LEU A 221 -8.38 23.26 -4.78
N GLU A 222 -7.96 22.90 -3.55
CA GLU A 222 -7.65 23.88 -2.52
C GLU A 222 -6.35 24.63 -2.80
N ASN A 223 -5.61 24.24 -3.84
CA ASN A 223 -4.42 24.98 -4.28
C ASN A 223 -4.56 25.55 -5.69
N ALA A 224 -5.71 25.39 -6.34
CA ALA A 224 -5.82 25.72 -7.75
C ALA A 224 -6.00 27.22 -7.97
N ASP A 225 -6.60 27.91 -7.00
CA ASP A 225 -6.68 29.37 -7.08
C ASP A 225 -5.29 30.00 -7.14
N ALA A 226 -4.41 29.63 -6.19
CA ALA A 226 -3.09 30.27 -6.14
C ALA A 226 -2.22 29.87 -7.33
N ALA A 227 -2.39 28.63 -7.83
CA ALA A 227 -1.68 28.23 -9.03
C ALA A 227 -2.18 28.98 -10.27
N TYR A 228 -3.49 29.19 -10.38
CA TYR A 228 -4.03 29.90 -11.54
C TYR A 228 -3.55 31.34 -11.61
N GLU A 229 -3.48 32.01 -10.45
CA GLU A 229 -2.97 33.37 -10.43
C GLU A 229 -1.47 33.42 -10.62
N TRP A 230 -0.75 32.40 -10.10
CA TRP A 230 0.66 32.27 -10.46
C TRP A 230 0.84 32.32 -11.96
N GLN A 231 -0.04 31.62 -12.69
CA GLN A 231 0.10 31.60 -14.14
C GLN A 231 -0.46 32.87 -14.79
N PHE A 232 -1.59 33.38 -14.30
CA PHE A 232 -2.30 34.41 -15.07
C PHE A 232 -2.32 35.80 -14.44
N CYS A 233 -1.74 36.02 -13.26
CA CYS A 233 -1.71 37.38 -12.72
C CYS A 233 -0.98 38.31 -13.69
N GLY A 234 -1.57 39.47 -13.94
CA GLY A 234 -1.05 40.37 -14.95
C GLY A 234 -1.81 40.35 -16.27
N TYR A 235 -2.63 39.34 -16.50
CA TYR A 235 -3.36 39.16 -17.75
C TYR A 235 -4.84 39.21 -17.42
N ASN A 236 -5.44 40.37 -17.65
CA ASN A 236 -6.70 40.73 -17.02
C ASN A 236 -7.91 40.61 -17.93
N ASP A 237 -7.73 40.34 -19.22
CA ASP A 237 -8.88 40.04 -20.07
C ASP A 237 -9.10 38.52 -20.08
N TYR A 238 -10.31 38.09 -19.76
CA TYR A 238 -10.66 36.69 -19.80
C TYR A 238 -11.65 36.41 -20.92
N HIS A 239 -11.70 35.14 -21.32
CA HIS A 239 -12.48 34.68 -22.46
C HIS A 239 -12.87 33.22 -22.23
N ARG A 240 -14.17 32.96 -22.25
CA ARG A 240 -14.67 31.62 -21.96
C ARG A 240 -15.87 31.30 -22.86
N ILE A 241 -15.99 30.05 -23.26
CA ILE A 241 -17.11 29.59 -24.07
C ILE A 241 -17.68 28.31 -23.46
N LYS A 242 -18.92 28.39 -23.00
CA LYS A 242 -19.64 27.29 -22.36
C LYS A 242 -20.60 26.66 -23.38
N HIS A 243 -20.61 25.33 -23.42
CA HIS A 243 -21.32 24.55 -24.46
C HIS A 243 -22.35 23.67 -23.79
N VAL A 244 -23.43 24.24 -23.27
CA VAL A 244 -24.44 23.44 -22.59
C VAL A 244 -25.28 22.72 -23.63
N ARG A 245 -25.31 21.38 -23.55
CA ARG A 245 -25.79 20.51 -24.61
C ARG A 245 -27.10 19.84 -24.24
N SER A 246 -27.92 19.62 -25.27
CA SER A 246 -29.23 18.95 -25.08
C SER A 246 -29.41 17.94 -26.22
N GLU A 247 -30.60 17.34 -26.34
CA GLU A 247 -30.84 16.32 -27.35
C GLU A 247 -30.98 16.93 -28.74
N SER A 248 -31.92 17.88 -28.89
CA SER A 248 -32.18 18.53 -30.16
C SER A 248 -31.55 19.90 -30.25
N GLY A 249 -31.79 20.76 -29.26
CA GLY A 249 -31.42 22.15 -29.32
C GLY A 249 -29.94 22.40 -29.05
N VAL A 250 -29.62 23.69 -28.96
CA VAL A 250 -28.26 24.17 -28.72
C VAL A 250 -28.34 25.42 -27.84
N LYS A 251 -27.38 25.57 -26.93
CA LYS A 251 -27.21 26.81 -26.17
C LYS A 251 -25.73 27.06 -25.95
N ASN A 252 -25.22 28.13 -26.55
CA ASN A 252 -23.83 28.56 -26.43
C ASN A 252 -23.75 29.83 -25.60
N ILE A 253 -22.77 29.87 -24.69
CA ILE A 253 -22.52 30.99 -23.80
C ILE A 253 -21.08 31.42 -23.97
N GLN A 254 -20.86 32.68 -24.34
CA GLN A 254 -19.51 33.17 -24.50
C GLN A 254 -19.32 34.41 -23.63
N ILE A 255 -18.33 34.36 -22.75
CA ILE A 255 -18.04 35.40 -21.77
C ILE A 255 -16.73 36.07 -22.17
N ASP A 256 -16.74 37.40 -22.24
CA ASP A 256 -15.53 38.21 -22.44
C ASP A 256 -15.52 39.33 -21.42
N GLY A 257 -14.35 39.67 -20.91
CA GLY A 257 -14.36 40.62 -19.81
C GLY A 257 -12.96 41.03 -19.37
N ILE A 258 -12.96 41.96 -18.41
CA ILE A 258 -11.73 42.47 -17.81
C ILE A 258 -11.92 42.40 -16.30
N LEU A 259 -10.86 41.96 -15.60
CA LEU A 259 -10.89 41.92 -14.14
C LEU A 259 -11.18 43.31 -13.60
N THR A 260 -11.96 43.36 -12.52
CA THR A 260 -12.18 44.61 -11.83
C THR A 260 -10.96 44.97 -11.00
N GLU A 261 -10.99 46.19 -10.48
CA GLU A 261 -9.95 46.64 -9.57
C GLU A 261 -9.81 45.68 -8.40
N LYS A 262 -10.93 45.22 -7.84
CA LYS A 262 -10.86 44.31 -6.72
C LYS A 262 -10.30 42.95 -7.16
N GLN A 263 -10.70 42.50 -8.36
CA GLN A 263 -10.20 41.22 -8.83
C GLN A 263 -8.73 41.29 -9.21
N ILE A 264 -8.25 42.47 -9.61
CA ILE A 264 -6.82 42.58 -9.90
C ILE A 264 -6.01 42.49 -8.62
N LYS A 265 -6.53 43.04 -7.52
CA LYS A 265 -5.83 42.89 -6.26
C LYS A 265 -5.93 41.45 -5.73
N ILE A 266 -7.10 40.82 -5.86
CA ILE A 266 -7.23 39.42 -5.45
C ILE A 266 -6.25 38.54 -6.22
N SER A 267 -6.17 38.76 -7.54
CA SER A 267 -5.22 38.05 -8.38
C SER A 267 -3.79 38.13 -7.82
N GLU A 268 -3.31 39.35 -7.56
CA GLU A 268 -1.94 39.53 -7.07
C GLU A 268 -1.73 38.87 -5.71
N GLU A 269 -2.77 38.87 -4.86
CA GLU A 269 -2.61 38.26 -3.55
C GLU A 269 -2.57 36.74 -3.67
N LEU A 270 -3.45 36.16 -4.49
CA LEU A 270 -3.43 34.70 -4.66
C LEU A 270 -2.10 34.25 -5.21
N LYS A 271 -1.54 35.01 -6.16
CA LYS A 271 -0.30 34.59 -6.80
C LYS A 271 0.81 34.42 -5.76
N ARG A 272 0.79 35.24 -4.71
CA ARG A 272 1.89 35.24 -3.75
C ARG A 272 1.78 34.09 -2.77
N LEU A 273 0.61 33.44 -2.70
CA LEU A 273 0.50 32.23 -1.89
C LEU A 273 1.09 31.01 -2.56
N PHE A 274 1.31 31.03 -3.88
CA PHE A 274 1.69 29.79 -4.55
C PHE A 274 3.08 29.32 -4.16
N PRO A 275 4.13 30.15 -4.12
CA PRO A 275 5.48 29.62 -3.87
C PRO A 275 5.61 28.79 -2.61
N LYS A 276 5.09 29.27 -1.49
CA LYS A 276 5.15 28.50 -0.25
C LYS A 276 4.67 27.08 -0.49
N TYR A 277 3.52 26.93 -1.15
CA TYR A 277 2.94 25.60 -1.28
C TYR A 277 3.78 24.72 -2.19
N LEU A 278 4.13 25.26 -3.36
CA LEU A 278 4.95 24.52 -4.31
C LEU A 278 6.23 23.99 -3.64
N ASN A 279 6.93 24.86 -2.90
CA ASN A 279 8.19 24.46 -2.29
C ASN A 279 7.99 23.36 -1.25
N SER A 280 6.87 23.36 -0.53
CA SER A 280 6.61 22.33 0.46
C SER A 280 6.47 20.93 -0.15
N LEU A 281 6.22 20.80 -1.46
CA LEU A 281 6.06 19.46 -2.05
C LEU A 281 7.40 18.79 -2.37
N LYS A 282 8.50 19.54 -2.35
CA LYS A 282 9.84 18.97 -2.45
C LYS A 282 10.03 18.15 -3.72
N LEU A 283 9.56 18.69 -4.84
CA LEU A 283 9.64 18.02 -6.12
C LEU A 283 11.02 18.15 -6.75
N LYS A 284 11.32 17.20 -7.64
CA LYS A 284 12.58 17.16 -8.35
C LYS A 284 12.32 16.74 -9.80
N ASP A 285 13.15 17.27 -10.70
CA ASP A 285 13.09 16.84 -12.10
C ASP A 285 13.83 15.50 -12.22
N SER A 286 14.00 15.04 -13.46
CA SER A 286 14.64 13.75 -13.66
C SER A 286 16.15 13.80 -13.39
N SER A 287 16.73 14.98 -13.24
CA SER A 287 18.13 15.15 -12.91
C SER A 287 18.34 15.41 -11.43
N ASN A 288 17.33 15.16 -10.60
CA ASN A 288 17.38 15.39 -9.16
C ASN A 288 17.61 16.85 -8.78
N ASN A 289 17.31 17.79 -9.66
CA ASN A 289 17.26 19.20 -9.28
C ASN A 289 15.99 19.49 -8.50
N GLU A 290 16.12 20.29 -7.45
CA GLU A 290 14.94 20.69 -6.72
C GLU A 290 14.15 21.75 -7.52
N LEU A 291 12.83 21.63 -7.50
CA LEU A 291 11.96 22.49 -8.30
C LEU A 291 11.28 23.47 -7.34
N LEU A 292 11.68 24.75 -7.44
CA LEU A 292 11.33 25.74 -6.43
C LEU A 292 10.86 27.03 -7.09
N LEU A 293 10.16 27.84 -6.30
CA LEU A 293 9.84 29.21 -6.70
C LEU A 293 10.27 30.18 -5.60
N ASP A 294 10.77 31.34 -6.00
CA ASP A 294 10.97 32.44 -5.05
C ASP A 294 9.64 33.18 -4.88
N GLU A 295 9.64 34.24 -4.08
CA GLU A 295 8.39 34.87 -3.71
C GLU A 295 7.80 35.72 -4.83
N ASN A 296 8.48 35.83 -5.97
CA ASN A 296 7.90 36.38 -7.19
C ASN A 296 7.48 35.31 -8.20
N GLY A 297 7.46 34.03 -7.80
CA GLY A 297 6.98 33.03 -8.72
C GLY A 297 7.92 32.68 -9.86
N GLU A 298 9.20 32.99 -9.73
CA GLU A 298 10.22 32.59 -10.70
C GLU A 298 11.13 31.54 -10.09
N GLY A 299 11.87 30.84 -10.96
CA GLY A 299 12.82 29.85 -10.48
C GLY A 299 12.68 28.51 -11.20
N SER A 300 13.30 27.49 -10.59
CA SER A 300 13.52 26.22 -11.30
C SER A 300 12.23 25.50 -11.66
N PHE A 301 11.19 25.62 -10.82
CA PHE A 301 9.92 25.03 -11.21
C PHE A 301 9.29 25.78 -12.39
N LYS A 302 9.56 27.09 -12.51
CA LYS A 302 9.06 27.80 -13.67
C LYS A 302 9.83 27.40 -14.92
N GLU A 303 11.15 27.24 -14.79
CA GLU A 303 11.91 26.74 -15.93
C GLU A 303 11.36 25.40 -16.42
N TYR A 304 10.84 24.59 -15.50
CA TYR A 304 10.41 23.24 -15.85
C TYR A 304 9.12 23.29 -16.68
N ILE A 305 8.13 24.06 -16.20
CA ILE A 305 6.91 24.30 -16.95
C ILE A 305 7.24 24.86 -18.33
N LYS A 306 8.08 25.87 -18.37
CA LYS A 306 8.47 26.45 -19.64
C LYS A 306 9.02 25.39 -20.58
N LYS A 307 9.82 24.47 -20.05
CA LYS A 307 10.42 23.43 -20.87
C LYS A 307 9.39 22.39 -21.32
N LEU A 308 8.35 22.14 -20.52
CA LEU A 308 7.25 21.31 -20.98
C LEU A 308 6.60 21.91 -22.20
N VAL A 309 6.35 23.23 -22.19
CA VAL A 309 5.70 23.88 -23.31
C VAL A 309 6.58 23.82 -24.55
N ILE A 310 7.87 24.16 -24.38
CA ILE A 310 8.83 24.04 -25.48
C ILE A 310 8.78 22.63 -26.07
N ASN A 311 8.79 21.63 -25.20
CA ASN A 311 8.83 20.27 -25.72
C ASN A 311 7.52 19.90 -26.42
N SER A 312 6.39 20.42 -25.92
CA SER A 312 5.12 20.25 -26.61
C SER A 312 5.18 20.85 -28.02
N ALA A 313 5.69 22.07 -28.13
CA ALA A 313 5.80 22.72 -29.44
C ALA A 313 6.81 22.00 -30.32
N GLN A 314 7.91 21.54 -29.72
CA GLN A 314 8.92 20.82 -30.48
C GLN A 314 8.34 19.57 -31.14
N LYS A 315 7.47 18.85 -30.42
CA LYS A 315 6.83 17.67 -31.00
C LYS A 315 5.96 18.05 -32.18
N GLU A 316 5.17 19.13 -32.04
CA GLU A 316 4.33 19.59 -33.13
C GLU A 316 5.18 20.11 -34.29
N LEU A 317 6.28 20.82 -33.99
CA LEU A 317 7.21 21.24 -35.04
C LEU A 317 7.82 20.05 -35.76
N ASP A 318 8.03 18.94 -35.05
CA ASP A 318 8.66 17.77 -35.65
C ASP A 318 7.85 17.28 -36.85
N LEU A 319 6.52 17.30 -36.71
CA LEU A 319 5.66 16.90 -37.83
C LEU A 319 5.78 17.88 -38.99
N CYS A 320 5.42 19.13 -38.75
CA CYS A 320 5.50 20.19 -39.75
C CYS A 320 6.85 20.21 -40.48
N SER A 321 7.94 19.95 -39.76
CA SER A 321 9.27 20.06 -40.40
C SER A 321 9.38 18.99 -41.48
N THR A 322 9.10 17.73 -41.13
CA THR A 322 9.21 16.61 -42.10
C THR A 322 8.24 16.87 -43.25
N TYR A 323 6.99 17.16 -42.93
CA TYR A 323 5.96 17.44 -43.95
C TYR A 323 6.46 18.45 -44.97
N LYS A 324 7.38 19.32 -44.56
CA LYS A 324 7.83 20.40 -45.46
C LYS A 324 8.96 19.88 -46.35
N ILE A 325 9.82 19.04 -45.82
CA ILE A 325 10.97 18.56 -46.65
C ILE A 325 10.35 18.18 -47.99
N ILE A 326 9.12 17.66 -47.96
CA ILE A 326 8.38 17.37 -49.22
C ILE A 326 7.46 18.56 -49.45
N ASP A 327 7.31 19.04 -50.69
CA ASP A 327 6.43 20.20 -50.99
C ASP A 327 7.08 21.49 -50.49
N ASN A 328 7.26 21.64 -49.17
CA ASN A 328 7.94 22.84 -48.59
C ASN A 328 7.05 24.06 -48.70
N ALA A 329 6.17 24.10 -49.71
CA ALA A 329 5.24 25.25 -49.87
C ALA A 329 4.00 24.99 -49.03
N ALA A 330 4.04 23.95 -48.19
CA ALA A 330 2.84 23.58 -47.42
C ALA A 330 2.78 24.34 -46.10
N VAL A 331 1.58 24.44 -45.53
CA VAL A 331 1.46 25.03 -44.17
C VAL A 331 1.05 23.86 -43.28
N CYS A 332 1.52 23.82 -42.04
CA CYS A 332 1.29 22.63 -41.20
C CYS A 332 0.19 22.84 -40.17
N GLY A 333 -0.13 21.78 -39.42
CA GLY A 333 -1.10 21.93 -38.34
C GLY A 333 -0.62 22.93 -37.30
N SER A 334 -1.55 23.69 -36.72
CA SER A 334 -1.19 24.65 -35.65
C SER A 334 -0.32 25.76 -36.23
N LYS A 335 -0.05 25.72 -37.53
CA LYS A 335 0.85 26.72 -38.06
C LYS A 335 1.99 26.97 -37.07
N ILE A 336 2.57 25.89 -36.59
CA ILE A 336 3.52 25.95 -35.48
C ILE A 336 4.75 26.75 -35.89
N ASP A 337 5.10 26.64 -37.17
CA ASP A 337 6.29 27.33 -37.71
C ASP A 337 6.01 28.83 -37.88
N GLU A 338 4.81 29.26 -37.52
CA GLU A 338 4.45 30.67 -37.66
C GLU A 338 4.12 31.33 -36.33
N GLN A 339 4.19 30.60 -35.21
CA GLN A 339 3.94 31.19 -33.90
C GLN A 339 5.10 32.10 -33.51
N GLU A 340 4.80 33.39 -33.34
CA GLU A 340 5.85 34.39 -33.11
C GLU A 340 6.57 34.18 -31.78
N TYR A 341 5.83 33.79 -30.73
CA TYR A 341 6.37 33.64 -29.40
C TYR A 341 7.33 32.44 -29.27
N LEU A 342 7.53 31.66 -30.32
CA LEU A 342 8.49 30.56 -30.30
C LEU A 342 9.76 30.98 -31.02
N SER A 343 10.90 30.70 -30.42
CA SER A 343 12.20 30.96 -31.02
C SER A 343 12.67 29.67 -31.67
N ILE A 344 12.61 29.62 -33.00
CA ILE A 344 13.01 28.45 -33.75
C ILE A 344 14.31 28.76 -34.46
N GLU A 345 15.32 27.92 -34.19
CA GLU A 345 16.62 28.04 -34.91
C GLU A 345 16.98 26.61 -35.30
N ASP A 346 17.06 26.34 -36.60
CA ASP A 346 17.44 24.99 -37.08
C ASP A 346 16.38 23.99 -36.64
N GLU A 347 15.14 24.16 -37.09
CA GLU A 347 14.08 23.17 -36.78
C GLU A 347 14.03 22.88 -35.27
N LYS A 348 14.65 23.70 -34.42
CA LYS A 348 14.64 23.40 -33.00
C LYS A 348 14.06 24.57 -32.22
N VAL A 349 13.06 24.30 -31.38
CA VAL A 349 12.53 25.31 -30.47
C VAL A 349 13.56 25.52 -29.37
N VAL A 350 14.20 26.69 -29.34
CA VAL A 350 15.34 26.90 -28.46
C VAL A 350 14.92 27.66 -27.20
N ASP A 351 13.91 28.52 -27.32
CA ASP A 351 13.37 29.27 -26.20
C ASP A 351 11.94 29.65 -26.56
N ILE A 352 11.30 30.39 -25.67
CA ILE A 352 9.92 30.82 -25.90
C ILE A 352 9.67 32.13 -25.15
N ASN A 353 9.11 33.11 -25.84
CA ASN A 353 8.58 34.30 -25.17
C ASN A 353 7.39 33.88 -24.33
N TRP A 354 7.62 33.71 -23.01
CA TRP A 354 6.55 33.25 -22.13
C TRP A 354 5.40 34.23 -22.11
N ASP A 355 5.70 35.53 -22.13
CA ASP A 355 4.65 36.54 -22.14
C ASP A 355 3.76 36.38 -23.36
N GLY A 356 4.36 36.15 -24.53
CA GLY A 356 3.57 35.96 -25.74
C GLY A 356 2.77 34.67 -25.75
N PHE A 357 3.35 33.59 -25.20
CA PHE A 357 2.59 32.34 -25.10
C PHE A 357 1.33 32.54 -24.29
N ILE A 358 1.46 33.19 -23.13
CA ILE A 358 0.31 33.43 -22.26
C ILE A 358 -0.68 34.35 -22.95
N LYS A 359 -0.17 35.37 -23.66
CA LYS A 359 -1.06 36.24 -24.41
C LYS A 359 -1.79 35.48 -25.51
N LYS A 360 -1.14 34.47 -26.10
CA LYS A 360 -1.84 33.67 -27.12
C LYS A 360 -2.98 32.88 -26.51
N ILE A 361 -2.72 32.11 -25.46
CA ILE A 361 -3.77 31.23 -24.95
C ILE A 361 -4.84 32.04 -24.21
N THR A 362 -4.45 33.13 -23.52
CA THR A 362 -5.30 34.04 -22.76
C THR A 362 -5.92 33.41 -21.52
N ARG A 363 -6.14 34.25 -20.51
CA ARG A 363 -6.87 33.84 -19.32
C ARG A 363 -8.29 33.42 -19.67
N MET A 364 -8.82 32.48 -18.92
CA MET A 364 -10.18 32.04 -19.07
C MET A 364 -11.05 32.37 -17.87
N LYS A 365 -10.55 32.17 -16.64
CA LYS A 365 -11.36 32.32 -15.45
C LYS A 365 -10.92 33.55 -14.67
N VAL A 366 -11.86 34.13 -13.93
CA VAL A 366 -11.56 35.30 -13.10
C VAL A 366 -10.86 34.83 -11.84
N ALA A 367 -10.41 35.79 -11.01
CA ALA A 367 -9.73 35.52 -9.77
C ALA A 367 -10.67 35.79 -8.61
N PRO A 368 -10.86 34.83 -7.68
CA PRO A 368 -10.33 33.45 -7.73
C PRO A 368 -11.06 32.56 -8.76
N ALA A 369 -10.34 31.62 -9.35
CA ALA A 369 -10.89 30.79 -10.41
C ALA A 369 -11.72 29.61 -9.90
N PHE A 370 -11.59 29.23 -8.64
CA PHE A 370 -12.27 28.03 -8.16
C PHE A 370 -13.11 28.24 -6.91
N ASP A 371 -12.56 28.92 -5.90
CA ASP A 371 -13.28 29.10 -4.64
C ASP A 371 -13.81 30.53 -4.65
N ALA A 372 -15.01 30.71 -5.21
CA ALA A 372 -15.58 32.03 -5.44
C ALA A 372 -15.85 32.76 -4.12
N LEU A 373 -15.59 34.06 -4.12
CA LEU A 373 -15.89 34.84 -2.93
C LEU A 373 -17.39 34.94 -2.68
N ASP A 374 -18.22 34.71 -3.70
CA ASP A 374 -19.66 34.65 -3.54
C ASP A 374 -20.21 33.22 -3.56
N LEU A 375 -19.35 32.21 -3.43
CA LEU A 375 -19.78 30.82 -3.30
C LEU A 375 -20.55 30.28 -4.51
N LYS A 376 -20.28 30.77 -5.72
CA LYS A 376 -21.08 30.41 -6.88
C LYS A 376 -20.42 29.44 -7.85
N SER A 377 -19.21 28.95 -7.56
CA SER A 377 -18.54 28.06 -8.49
C SER A 377 -19.05 26.63 -8.33
N PRO A 378 -18.84 25.78 -9.34
CA PRO A 378 -19.26 24.36 -9.19
C PRO A 378 -18.47 23.66 -8.10
N GLU A 379 -17.23 24.09 -7.87
CA GLU A 379 -16.45 23.51 -6.78
C GLU A 379 -16.99 23.94 -5.42
N ASN A 380 -17.48 25.18 -5.32
CA ASN A 380 -18.15 25.61 -4.08
C ASN A 380 -19.34 24.72 -3.76
N GLU A 381 -20.17 24.39 -4.76
CA GLU A 381 -21.31 23.52 -4.52
C GLU A 381 -20.90 22.08 -4.21
N GLU A 382 -19.88 21.58 -4.92
CA GLU A 382 -19.40 20.23 -4.62
C GLU A 382 -18.96 20.09 -3.17
N PHE A 383 -18.45 21.17 -2.56
CA PHE A 383 -18.05 21.11 -1.16
C PHE A 383 -19.15 21.57 -0.19
N GLY A 384 -20.38 21.73 -0.67
CA GLY A 384 -21.53 21.85 0.20
C GLY A 384 -21.79 20.57 0.97
N THR A 385 -22.95 20.52 1.64
CA THR A 385 -23.33 19.32 2.37
C THR A 385 -24.76 18.91 2.10
N GLU A 386 -25.26 17.96 2.88
CA GLU A 386 -26.65 17.53 2.81
C GLU A 386 -27.62 18.66 3.16
N ALA A 387 -27.14 19.76 3.70
CA ALA A 387 -27.97 20.86 4.12
C ALA A 387 -27.53 22.19 3.54
N ILE A 388 -26.22 22.38 3.36
CA ILE A 388 -25.66 23.66 2.92
C ILE A 388 -25.40 23.60 1.42
N LYS A 389 -25.93 24.57 0.69
CA LYS A 389 -25.78 24.56 -0.76
C LYS A 389 -24.31 24.59 -1.15
N ALA A 390 -23.51 25.43 -0.51
CA ALA A 390 -22.12 25.60 -0.90
C ALA A 390 -21.29 26.05 0.29
N LYS A 391 -19.98 25.80 0.19
CA LYS A 391 -18.98 26.18 1.19
C LYS A 391 -17.71 26.64 0.50
N HIS A 392 -16.90 27.39 1.23
CA HIS A 392 -15.54 27.69 0.82
C HIS A 392 -14.62 26.50 1.14
N PHE A 393 -13.45 26.49 0.50
CA PHE A 393 -12.50 25.40 0.74
C PHE A 393 -11.06 25.89 0.66
N THR A 394 -10.86 27.20 0.79
CA THR A 394 -9.54 27.80 0.99
C THR A 394 -9.62 28.80 2.12
N ALA A 395 -8.49 28.99 2.83
CA ALA A 395 -8.44 30.01 3.87
C ALA A 395 -8.65 31.40 3.28
N TYR A 396 -8.03 31.68 2.13
CA TYR A 396 -8.18 32.98 1.50
C TYR A 396 -9.64 33.31 1.26
N SER A 397 -10.37 32.43 0.55
CA SER A 397 -11.71 32.81 0.12
C SER A 397 -12.68 32.91 1.28
N GLN A 398 -12.47 32.11 2.34
CA GLN A 398 -13.26 32.26 3.55
C GLN A 398 -12.99 33.60 4.20
N GLU A 399 -11.72 34.04 4.23
CA GLU A 399 -11.35 35.31 4.84
C GLU A 399 -11.97 36.49 4.11
N HIS A 400 -11.83 36.50 2.79
CA HIS A 400 -12.30 37.56 1.92
C HIS A 400 -13.71 37.31 1.39
N SER A 401 -14.48 36.47 2.07
CA SER A 401 -15.80 36.11 1.58
C SER A 401 -16.68 37.33 1.38
N GLU A 402 -17.44 37.35 0.27
CA GLU A 402 -18.42 38.38 -0.02
C GLU A 402 -19.82 38.02 0.48
N VAL A 403 -20.02 36.78 0.94
CA VAL A 403 -21.29 36.33 1.47
C VAL A 403 -21.03 35.59 2.77
N GLU A 404 -22.10 35.25 3.47
CA GLU A 404 -21.94 34.55 4.74
C GLU A 404 -21.66 33.08 4.44
N GLY A 405 -20.45 32.62 4.74
CA GLY A 405 -20.05 31.28 4.36
C GLY A 405 -19.23 30.61 5.45
N THR A 406 -19.21 29.29 5.31
CA THR A 406 -18.46 28.45 6.25
C THR A 406 -17.40 27.69 5.48
N LEU A 407 -16.37 27.25 6.19
CA LEU A 407 -15.28 26.48 5.61
C LEU A 407 -15.64 25.00 5.64
N ALA A 408 -15.42 24.30 4.52
CA ALA A 408 -15.63 22.87 4.49
C ALA A 408 -14.59 22.17 5.35
N ASP A 409 -15.03 21.13 6.06
CA ASP A 409 -14.17 20.23 6.80
C ASP A 409 -12.92 19.90 5.99
N PRO A 410 -11.72 20.21 6.49
CA PRO A 410 -10.50 19.84 5.76
C PRO A 410 -10.33 18.34 5.61
N LYS A 411 -11.07 17.55 6.40
CA LYS A 411 -11.09 16.11 6.23
C LYS A 411 -11.85 15.69 4.98
N ILE A 412 -12.85 16.47 4.54
CA ILE A 412 -13.56 16.15 3.31
C ILE A 412 -12.80 16.68 2.10
N ILE A 413 -12.15 17.83 2.23
CA ILE A 413 -11.37 18.37 1.13
C ILE A 413 -10.27 17.40 0.72
N LYS A 414 -9.63 16.77 1.71
CA LYS A 414 -8.59 15.79 1.43
C LYS A 414 -9.11 14.63 0.58
N LEU A 415 -10.33 14.15 0.88
CA LEU A 415 -10.87 12.99 0.17
C LEU A 415 -10.90 13.15 -1.35
N LEU A 416 -10.81 14.38 -1.88
CA LEU A 416 -10.86 14.59 -3.33
C LEU A 416 -9.49 14.88 -3.96
N ASN A 417 -8.44 15.05 -3.17
CA ASN A 417 -7.15 15.46 -3.68
C ASN A 417 -6.23 14.25 -3.82
N PRO A 418 -5.87 13.82 -5.04
CA PRO A 418 -4.96 12.68 -5.14
C PRO A 418 -3.56 12.98 -4.67
N ILE A 419 -3.15 14.25 -4.63
CA ILE A 419 -1.78 14.53 -4.19
C ILE A 419 -1.59 14.10 -2.74
N GLU A 420 -2.67 14.05 -1.94
CA GLU A 420 -2.56 13.66 -0.55
C GLU A 420 -2.32 12.17 -0.33
N TYR A 421 -2.44 11.35 -1.36
CA TYR A 421 -2.48 9.90 -1.17
C TYR A 421 -1.38 9.16 -1.89
N ILE A 422 -0.69 9.81 -2.82
CA ILE A 422 0.52 9.27 -3.42
C ILE A 422 1.63 9.28 -2.38
N ASN A 423 2.20 8.10 -2.11
CA ASN A 423 3.37 7.77 -1.26
C ASN A 423 2.91 7.18 0.07
N ASN A 424 1.60 6.98 0.23
CA ASN A 424 1.14 6.45 1.52
C ASN A 424 -0.09 5.56 1.36
N SER A 425 -0.41 5.11 0.15
CA SER A 425 -1.54 4.22 -0.07
C SER A 425 -1.18 3.28 -1.20
N ASP A 426 -2.12 2.38 -1.52
CA ASP A 426 -1.92 1.45 -2.63
C ASP A 426 -2.25 2.19 -3.91
N THR A 427 -1.22 2.82 -4.48
CA THR A 427 -1.34 3.61 -5.68
C THR A 427 -1.09 2.75 -6.90
N ALA A 428 -1.94 2.92 -7.92
CA ALA A 428 -1.75 2.21 -9.18
C ALA A 428 -0.33 2.44 -9.67
N LYS A 429 0.27 1.40 -10.27
CA LYS A 429 1.64 1.54 -10.74
C LYS A 429 1.75 2.42 -11.99
N TYR A 430 0.77 2.33 -12.90
CA TYR A 430 0.87 2.94 -14.24
C TYR A 430 -0.12 4.08 -14.41
N TRP A 431 0.36 5.19 -15.00
CA TRP A 431 -0.34 6.46 -15.11
C TRP A 431 -0.17 7.04 -16.50
N ARG A 432 -1.29 7.48 -17.08
CA ARG A 432 -1.31 8.26 -18.33
C ARG A 432 -2.07 9.55 -18.07
N VAL A 433 -1.40 10.68 -18.29
CA VAL A 433 -1.96 11.99 -17.98
C VAL A 433 -1.82 12.83 -19.22
N ARG A 434 -2.95 13.40 -19.69
CA ARG A 434 -2.93 14.29 -20.84
C ARG A 434 -3.60 15.60 -20.49
N HIS A 435 -2.99 16.70 -20.90
CA HIS A 435 -3.56 18.02 -20.64
C HIS A 435 -3.15 18.92 -21.79
N GLY A 436 -4.13 19.48 -22.50
CA GLY A 436 -3.80 20.27 -23.67
C GLY A 436 -2.99 21.50 -23.32
N ALA A 437 -1.93 21.78 -24.07
CA ALA A 437 -1.18 23.00 -23.86
C ALA A 437 -2.03 24.26 -24.08
N PHE A 438 -3.25 24.13 -24.62
CA PHE A 438 -4.14 25.26 -24.79
C PHE A 438 -5.36 25.15 -23.87
N ASP A 439 -5.30 24.31 -22.85
CA ASP A 439 -6.41 24.12 -21.92
C ASP A 439 -6.16 25.02 -20.74
N ARG A 440 -7.00 26.05 -20.58
CA ARG A 440 -6.84 27.00 -19.50
C ARG A 440 -7.94 26.86 -18.47
N ASP A 441 -8.61 25.72 -18.42
CA ASP A 441 -9.52 25.48 -17.31
C ASP A 441 -8.81 25.38 -15.96
N ILE A 442 -7.50 25.11 -15.98
CA ILE A 442 -6.71 25.00 -14.75
C ILE A 442 -5.27 25.31 -15.12
N SER A 443 -4.48 25.73 -14.13
CA SER A 443 -3.09 26.06 -14.42
C SER A 443 -2.36 24.82 -14.94
N LEU A 444 -1.40 25.03 -15.85
CA LEU A 444 -0.54 23.95 -16.28
C LEU A 444 0.24 23.34 -15.11
N ALA A 445 0.36 24.07 -14.00
CA ALA A 445 1.07 23.57 -12.85
C ALA A 445 0.40 22.34 -12.26
N MET A 446 -0.95 22.21 -12.37
CA MET A 446 -1.59 21.05 -11.77
C MET A 446 -1.18 19.73 -12.43
N PRO A 447 -1.47 19.49 -13.72
CA PRO A 447 -1.03 18.21 -14.29
C PRO A 447 0.45 17.94 -14.04
N SER A 448 1.25 19.00 -13.92
CA SER A 448 2.69 18.86 -13.68
C SER A 448 2.99 18.36 -12.27
N ILE A 449 2.41 19.00 -11.25
CA ILE A 449 2.58 18.50 -9.88
C ILE A 449 2.16 17.04 -9.79
N LEU A 450 1.07 16.67 -10.47
CA LEU A 450 0.59 15.29 -10.40
C LEU A 450 1.62 14.32 -10.97
N SER A 451 2.13 14.63 -12.17
CA SER A 451 3.11 13.75 -12.79
C SER A 451 4.39 13.69 -11.98
N LEU A 452 4.89 14.84 -11.50
CA LEU A 452 6.14 14.87 -10.75
C LEU A 452 6.00 14.13 -9.43
N THR A 453 4.91 14.34 -8.71
CA THR A 453 4.70 13.60 -7.46
C THR A 453 4.70 12.10 -7.72
N LEU A 454 4.11 11.66 -8.83
CA LEU A 454 4.07 10.23 -9.14
C LEU A 454 5.44 9.71 -9.51
N GLU A 455 6.17 10.45 -10.35
CA GLU A 455 7.49 10.00 -10.78
C GLU A 455 8.50 10.04 -9.64
N ASN A 456 8.39 11.02 -8.73
CA ASN A 456 9.32 11.14 -7.62
C ASN A 456 9.20 9.96 -6.67
N ASN A 457 8.00 9.36 -6.61
CA ASN A 457 7.76 8.25 -5.70
C ASN A 457 7.83 6.91 -6.40
N GLY A 458 8.47 6.86 -7.57
CA GLY A 458 8.71 5.60 -8.24
C GLY A 458 7.58 5.06 -9.09
N TYR A 459 6.57 5.87 -9.43
CA TYR A 459 5.51 5.33 -10.28
C TYR A 459 5.85 5.59 -11.75
N VAL A 460 5.23 4.81 -12.63
CA VAL A 460 5.49 4.87 -14.07
C VAL A 460 4.43 5.80 -14.68
N VAL A 461 4.87 6.92 -15.27
CA VAL A 461 3.96 7.97 -15.73
C VAL A 461 4.22 8.25 -17.21
N ASP A 462 3.15 8.23 -18.01
CA ASP A 462 3.19 8.70 -19.40
C ASP A 462 2.49 10.06 -19.44
N PHE A 463 3.28 11.14 -19.41
CA PHE A 463 2.79 12.51 -19.31
C PHE A 463 3.10 13.28 -20.58
N SER A 464 2.09 13.97 -21.14
CA SER A 464 2.24 14.81 -22.33
C SER A 464 1.32 16.03 -22.24
N LEU A 465 1.77 17.14 -22.85
CA LEU A 465 1.00 18.35 -23.06
C LEU A 465 0.76 18.57 -24.56
N PRO A 466 -0.24 17.93 -25.15
CA PRO A 466 -0.48 18.06 -26.60
C PRO A 466 -0.68 19.51 -27.04
N TRP A 467 0.10 19.92 -28.04
CA TRP A 467 0.02 21.28 -28.58
C TRP A 467 -1.35 21.59 -29.17
N GLY A 468 -1.74 22.86 -29.08
CA GLY A 468 -2.98 23.35 -29.68
C GLY A 468 -4.26 22.76 -29.13
N ILE A 469 -4.20 21.91 -28.12
CA ILE A 469 -5.38 21.15 -27.72
C ILE A 469 -6.11 21.89 -26.60
N PRO A 470 -7.41 22.18 -26.75
CA PRO A 470 -8.14 22.86 -25.68
C PRO A 470 -8.70 21.89 -24.65
N HIS A 471 -9.63 22.35 -23.82
CA HIS A 471 -10.21 21.50 -22.78
C HIS A 471 -11.05 20.38 -23.42
N SER A 472 -10.54 19.15 -23.43
CA SER A 472 -11.26 18.02 -24.00
C SER A 472 -10.68 16.71 -23.47
N GLY A 473 -11.15 15.59 -24.02
CA GLY A 473 -10.67 14.28 -23.63
C GLY A 473 -11.07 13.24 -24.66
N ASP A 474 -10.44 12.07 -24.52
CA ASP A 474 -10.71 10.89 -25.34
C ASP A 474 -10.45 11.15 -26.82
N TYR A 475 -9.45 11.98 -27.13
CA TYR A 475 -9.14 12.32 -28.51
C TYR A 475 -8.01 11.49 -29.10
N ASP A 476 -7.40 10.60 -28.31
CA ASP A 476 -6.39 9.69 -28.84
C ASP A 476 -6.59 8.29 -28.24
N LEU A 477 -7.80 7.74 -28.44
CA LEU A 477 -8.17 6.48 -27.82
C LEU A 477 -7.35 5.30 -28.32
N ASP A 478 -6.90 5.34 -29.57
CA ASP A 478 -6.07 4.26 -30.09
C ASP A 478 -4.73 4.20 -29.36
N ASP A 479 -4.18 5.36 -29.02
CA ASP A 479 -2.95 5.41 -28.23
C ASP A 479 -3.21 5.03 -26.78
N LEU A 480 -4.37 5.43 -26.23
CA LEU A 480 -4.71 4.97 -24.89
C LEU A 480 -4.77 3.43 -24.82
N PHE A 481 -5.50 2.79 -25.75
CA PHE A 481 -5.58 1.32 -25.77
C PHE A 481 -4.21 0.67 -25.95
N ALA A 482 -3.36 1.24 -26.81
CA ALA A 482 -2.03 0.69 -27.02
C ALA A 482 -1.20 0.79 -25.75
N TRP A 483 -1.41 1.86 -24.98
CA TRP A 483 -0.74 1.99 -23.69
C TRP A 483 -1.21 0.92 -22.73
N ILE A 484 -2.52 0.66 -22.70
CA ILE A 484 -3.04 -0.43 -21.89
C ILE A 484 -2.43 -1.76 -22.32
N ASP A 485 -2.39 -2.01 -23.62
CA ASP A 485 -1.85 -3.29 -24.08
C ASP A 485 -0.38 -3.41 -23.71
N GLU A 486 0.37 -2.31 -23.77
CA GLU A 486 1.78 -2.41 -23.45
C GLU A 486 1.99 -2.68 -21.97
N ILE A 487 1.34 -1.91 -21.09
CA ILE A 487 1.60 -2.15 -19.68
C ILE A 487 1.08 -3.52 -19.25
N TYR A 488 0.07 -4.05 -19.95
CA TYR A 488 -0.43 -5.38 -19.63
C TYR A 488 0.67 -6.43 -19.76
N THR A 489 1.57 -6.27 -20.74
CA THR A 489 2.65 -7.21 -20.95
C THR A 489 3.77 -7.11 -19.91
N LYS A 490 3.91 -5.97 -19.25
CA LYS A 490 4.97 -5.78 -18.27
C LYS A 490 4.62 -6.46 -16.94
N MET B 1 6.35 -3.35 45.47
CA MET B 1 5.36 -2.57 44.68
C MET B 1 5.88 -2.40 43.26
N LEU B 2 5.05 -1.86 42.37
CA LEU B 2 5.44 -1.75 40.95
C LEU B 2 5.69 -0.29 40.60
N ILE B 3 6.14 0.51 41.56
CA ILE B 3 6.32 1.96 41.27
C ILE B 3 7.68 2.18 40.60
N PHE B 4 7.70 3.04 39.59
CA PHE B 4 8.92 3.32 38.85
C PHE B 4 9.65 4.50 39.51
N ASP B 5 10.87 4.26 39.96
CA ASP B 5 11.69 5.29 40.60
C ASP B 5 12.50 6.00 39.52
N ASP B 6 12.03 7.18 39.08
CA ASP B 6 12.74 7.85 37.99
C ASP B 6 14.05 8.50 38.43
N LYS B 7 14.42 8.37 39.72
CA LYS B 7 15.72 8.80 40.19
C LYS B 7 16.75 7.68 40.22
N ASN B 8 16.29 6.42 40.21
CA ASN B 8 17.21 5.29 40.23
C ASN B 8 17.70 5.11 38.80
N TYR B 9 18.89 5.64 38.50
CA TYR B 9 19.44 5.53 37.16
C TYR B 9 20.94 5.81 37.18
N LYS B 10 21.60 5.41 36.11
CA LYS B 10 22.92 5.92 35.79
C LYS B 10 22.85 6.63 34.44
N VAL B 11 23.85 7.44 34.15
CA VAL B 11 23.98 8.06 32.85
C VAL B 11 25.27 7.52 32.23
N ASP B 12 25.13 6.62 31.26
CA ASP B 12 26.24 5.88 30.69
C ASP B 12 26.55 6.33 29.28
N THR B 13 27.74 5.95 28.84
CA THR B 13 28.24 6.23 27.51
C THR B 13 28.73 4.92 26.92
N CYS B 14 28.15 4.51 25.80
CA CYS B 14 28.61 3.33 25.08
C CYS B 14 29.34 3.81 23.84
N ASN B 15 30.60 3.41 23.70
CA ASN B 15 31.39 3.76 22.53
C ASN B 15 31.86 2.46 21.88
N ILE B 16 31.31 2.17 20.71
CA ILE B 16 31.66 1.02 19.90
C ILE B 16 32.25 1.56 18.60
N ASP B 17 33.54 1.29 18.38
CA ASP B 17 34.24 1.62 17.15
C ASP B 17 34.05 3.08 16.73
N GLY B 18 34.18 3.99 17.71
CA GLY B 18 34.11 5.42 17.48
C GLY B 18 32.74 6.02 17.61
N ILE B 19 31.70 5.23 17.37
CA ILE B 19 30.33 5.70 17.51
C ILE B 19 30.02 5.73 18.99
N SER B 20 29.43 6.82 19.46
CA SER B 20 29.18 7.02 20.88
C SER B 20 27.71 7.35 21.09
N ILE B 21 27.13 6.85 22.18
CA ILE B 21 25.79 7.26 22.58
C ILE B 21 25.78 7.47 24.08
N LYS B 22 25.05 8.50 24.50
CA LYS B 22 24.84 8.80 25.90
C LYS B 22 23.37 8.56 26.20
N PHE B 23 23.11 7.72 27.19
CA PHE B 23 21.75 7.35 27.53
C PHE B 23 21.65 7.25 29.04
N ARG B 24 20.42 7.44 29.54
CA ARG B 24 20.11 7.19 30.94
C ARG B 24 19.55 5.78 31.06
N SER B 25 20.24 5.01 31.91
CA SER B 25 19.89 3.58 32.11
C SER B 25 19.20 3.33 33.44
N PHE B 26 17.99 2.79 33.40
CA PHE B 26 17.28 2.35 34.61
C PHE B 26 17.24 0.82 34.57
N LYS B 27 18.21 0.18 35.21
CA LYS B 27 18.43 -1.25 35.08
C LYS B 27 17.77 -2.06 36.19
N GLU B 28 17.52 -3.35 35.89
CA GLU B 28 17.13 -4.38 36.86
C GLU B 28 15.81 -4.09 37.57
N ILE B 29 14.88 -3.45 36.89
CA ILE B 29 13.54 -3.22 37.44
C ILE B 29 12.73 -4.52 37.40
N LEU B 30 12.18 -4.93 38.54
CA LEU B 30 11.13 -5.94 38.57
C LEU B 30 9.85 -5.39 37.95
N TYR B 31 9.11 -6.26 37.26
CA TYR B 31 7.85 -5.84 36.67
C TYR B 31 6.62 -6.57 37.21
N CYS B 32 6.79 -7.50 38.15
CA CYS B 32 5.64 -8.19 38.75
C CYS B 32 5.91 -8.45 40.23
N GLU B 33 4.81 -8.60 40.99
CA GLU B 33 4.87 -8.68 42.45
C GLU B 33 5.25 -10.06 42.96
N LYS B 34 4.94 -11.13 42.22
CA LYS B 34 5.29 -12.50 42.61
C LYS B 34 6.08 -13.16 41.47
N PRO B 35 7.31 -12.72 41.23
CA PRO B 35 8.12 -13.37 40.19
C PRO B 35 8.61 -14.72 40.65
N VAL B 36 9.00 -15.54 39.67
CA VAL B 36 9.42 -16.92 39.91
C VAL B 36 10.83 -17.21 39.44
N ASP B 37 11.48 -16.27 38.74
CA ASP B 37 12.86 -16.45 38.33
C ASP B 37 13.52 -15.08 38.28
N SER B 38 14.82 -15.04 38.58
CA SER B 38 15.54 -13.76 38.56
C SER B 38 15.73 -13.23 37.15
N ILE B 39 15.03 -13.78 36.17
CA ILE B 39 15.10 -13.24 34.82
C ILE B 39 13.98 -12.23 34.56
N GLN B 40 12.91 -12.26 35.36
CA GLN B 40 11.75 -11.40 35.16
C GLN B 40 12.01 -9.98 35.69
N LYS B 41 13.07 -9.38 35.16
CA LYS B 41 13.35 -7.97 35.36
C LYS B 41 13.57 -7.30 34.00
N MET B 42 13.33 -5.99 33.94
CA MET B 42 13.43 -5.25 32.70
C MET B 42 14.41 -4.09 32.83
N ASN B 43 14.90 -3.63 31.68
CA ASN B 43 15.83 -2.52 31.57
C ASN B 43 15.19 -1.45 30.70
N ILE B 44 15.37 -0.18 31.07
CA ILE B 44 14.85 0.95 30.31
C ILE B 44 16.02 1.86 29.95
N PHE B 45 16.15 2.16 28.66
CA PHE B 45 17.19 3.08 28.19
C PHE B 45 16.52 4.27 27.52
N VAL B 46 17.04 5.47 27.81
CA VAL B 46 16.51 6.71 27.28
C VAL B 46 17.66 7.57 26.76
N PRO B 47 17.56 8.16 25.58
CA PRO B 47 18.63 9.06 25.10
C PRO B 47 18.75 10.26 26.04
N GLU B 48 20.00 10.53 26.47
CA GLU B 48 20.23 11.48 27.54
C GLU B 48 19.88 12.91 27.15
N VAL B 49 20.07 13.30 25.89
CA VAL B 49 19.71 14.65 25.44
C VAL B 49 18.21 14.92 25.54
N TYR B 50 17.40 13.89 25.74
CA TYR B 50 15.96 14.10 25.88
C TYR B 50 15.65 14.85 27.18
N TYR B 51 16.52 14.71 28.16
CA TYR B 51 16.30 15.39 29.47
C TYR B 51 16.81 16.83 29.40
N GLU B 52 17.18 17.29 28.21
CA GLU B 52 17.62 18.67 28.02
C GLU B 52 16.75 19.40 27.00
N GLY B 53 15.53 18.92 26.81
CA GLY B 53 14.65 19.56 25.84
C GLY B 53 15.10 19.45 24.41
N ASN B 54 16.01 18.52 24.11
CA ASN B 54 16.41 18.28 22.73
C ASN B 54 15.43 17.31 22.03
N THR B 55 15.57 17.22 20.71
CA THR B 55 14.87 16.22 19.92
C THR B 55 15.87 15.42 19.08
N ILE B 56 15.41 14.24 18.64
CA ILE B 56 16.12 13.39 17.69
C ILE B 56 15.10 12.87 16.71
N ASN B 57 15.34 13.11 15.42
CA ASN B 57 14.40 12.74 14.35
C ASN B 57 12.99 13.24 14.66
N GLY B 58 12.90 14.43 15.24
CA GLY B 58 11.61 14.97 15.63
C GLY B 58 11.05 14.44 16.92
N TYR B 59 11.69 13.44 17.53
CA TYR B 59 11.14 12.75 18.70
C TYR B 59 11.59 13.42 19.99
N SER B 60 10.70 13.39 20.98
CA SER B 60 10.95 14.00 22.28
C SER B 60 10.80 12.94 23.36
N LEU B 61 10.83 13.39 24.61
CA LEU B 61 10.90 12.48 25.74
C LEU B 61 9.58 11.69 25.91
N HIS B 62 8.44 12.33 25.73
CA HIS B 62 7.15 11.65 25.79
C HIS B 62 6.60 11.31 24.41
N THR B 63 7.29 11.72 23.36
CA THR B 63 6.91 11.54 21.97
C THR B 63 7.49 10.27 21.39
N ALA B 64 8.72 9.94 21.77
CA ALA B 64 9.47 8.86 21.16
C ALA B 64 8.69 7.55 21.26
N PRO B 65 8.76 6.69 20.23
CA PRO B 65 8.26 5.33 20.37
C PRO B 65 9.08 4.52 21.35
N ILE B 66 8.47 3.47 21.85
CA ILE B 66 9.10 2.58 22.82
C ILE B 66 9.35 1.25 22.12
N PHE B 67 10.61 1.02 21.79
CA PHE B 67 11.07 -0.14 21.04
C PHE B 67 11.40 -1.27 22.01
N MET B 68 10.78 -2.43 21.83
CA MET B 68 10.90 -3.53 22.78
C MET B 68 11.41 -4.78 22.07
N PRO B 69 12.70 -4.89 21.84
CA PRO B 69 13.25 -6.15 21.35
C PRO B 69 13.31 -7.18 22.47
N ASN B 70 13.35 -8.44 22.06
CA ASN B 70 13.49 -9.55 22.99
C ASN B 70 14.60 -10.49 22.51
N THR B 71 15.15 -11.25 23.45
CA THR B 71 16.35 -12.03 23.22
C THR B 71 16.08 -13.53 23.10
N VAL B 72 14.83 -13.93 22.95
CA VAL B 72 14.44 -15.33 22.95
C VAL B 72 14.89 -16.00 21.65
N GLY B 73 15.74 -17.00 21.78
CA GLY B 73 16.03 -17.91 20.68
C GLY B 73 15.76 -19.32 21.13
N GLY B 74 15.19 -20.13 20.23
CA GLY B 74 14.98 -21.54 20.52
C GLY B 74 14.04 -21.81 21.67
N TYR B 75 13.14 -20.88 21.97
CA TYR B 75 12.22 -20.96 23.12
C TYR B 75 12.95 -21.12 24.44
N MET B 76 14.24 -20.75 24.47
CA MET B 76 15.04 -20.65 25.68
C MET B 76 14.72 -19.35 26.43
N PRO B 77 15.19 -19.22 27.68
CA PRO B 77 14.98 -17.97 28.41
C PRO B 77 15.69 -16.81 27.73
N GLY B 78 15.07 -15.64 27.78
CA GLY B 78 15.62 -14.47 27.13
C GLY B 78 15.94 -13.36 28.12
N PRO B 79 17.20 -13.23 28.50
CA PRO B 79 17.58 -12.22 29.50
C PRO B 79 17.54 -10.80 28.95
N ALA B 80 17.24 -9.85 29.84
CA ALA B 80 17.32 -8.44 29.49
C ALA B 80 18.71 -8.12 28.96
N ASP B 81 18.78 -7.05 28.17
CA ASP B 81 20.00 -6.74 27.41
C ASP B 81 20.33 -5.26 27.59
N GLU B 82 21.39 -4.81 26.90
CA GLU B 82 21.85 -3.42 27.00
C GLU B 82 22.57 -3.09 25.70
N PRO B 83 22.85 -1.80 25.47
CA PRO B 83 23.64 -1.45 24.29
C PRO B 83 25.00 -2.14 24.31
N GLY B 84 25.53 -2.34 23.12
CA GLY B 84 26.72 -3.13 22.94
C GLY B 84 26.63 -3.93 21.64
N LYS B 85 27.44 -4.97 21.56
CA LYS B 85 27.50 -5.81 20.39
C LYS B 85 26.71 -7.10 20.63
N ASP B 86 26.21 -7.68 19.54
CA ASP B 86 25.49 -8.93 19.60
C ASP B 86 26.45 -10.09 19.39
N PHE B 87 25.92 -11.32 19.42
CA PHE B 87 26.76 -12.53 19.34
C PHE B 87 27.55 -12.63 18.04
N LYS B 88 27.24 -11.81 17.04
CA LYS B 88 27.89 -11.85 15.73
C LYS B 88 28.87 -10.70 15.54
N GLY B 89 29.11 -9.89 16.58
CA GLY B 89 29.99 -8.73 16.47
C GLY B 89 29.36 -7.48 15.87
N ARG B 90 28.04 -7.48 15.64
CA ARG B 90 27.31 -6.33 15.13
C ARG B 90 26.87 -5.40 16.26
N ILE B 91 26.93 -4.10 16.00
CA ILE B 91 26.33 -3.12 16.90
C ILE B 91 24.85 -3.45 17.05
N ASN B 92 24.40 -3.64 18.29
CA ASN B 92 23.09 -4.26 18.45
C ASN B 92 21.96 -3.27 18.26
N SER B 93 20.73 -3.78 18.29
CA SER B 93 19.59 -2.97 17.93
C SER B 93 19.21 -1.99 19.03
N ILE B 94 19.54 -2.31 20.28
CA ILE B 94 19.34 -1.38 21.38
C ILE B 94 20.16 -0.11 21.17
N PHE B 95 21.48 -0.27 21.04
CA PHE B 95 22.38 0.84 20.72
C PHE B 95 21.86 1.65 19.54
N ARG B 96 21.49 0.97 18.45
CA ARG B 96 21.13 1.68 17.24
C ARG B 96 19.75 2.34 17.35
N ALA B 97 18.83 1.74 18.12
CA ALA B 97 17.53 2.36 18.34
C ALA B 97 17.66 3.63 19.18
N LEU B 98 18.52 3.60 20.21
CA LEU B 98 18.74 4.76 21.05
C LEU B 98 19.30 5.92 20.24
N LYS B 99 20.33 5.66 19.42
CA LYS B 99 20.86 6.70 18.55
C LYS B 99 19.81 7.21 17.59
N HIS B 100 18.82 6.38 17.25
CA HIS B 100 17.76 6.82 16.35
C HIS B 100 16.68 7.63 17.06
N GLY B 101 16.63 7.61 18.39
CA GLY B 101 15.69 8.39 19.14
C GLY B 101 14.57 7.64 19.84
N TYR B 102 14.63 6.31 19.89
CA TYR B 102 13.56 5.56 20.54
C TYR B 102 13.90 5.30 22.01
N ILE B 103 12.86 5.15 22.81
CA ILE B 103 13.03 4.58 24.14
C ILE B 103 13.15 3.07 23.97
N VAL B 104 14.19 2.48 24.52
CA VAL B 104 14.36 1.04 24.46
C VAL B 104 14.01 0.44 25.80
N VAL B 105 13.00 -0.43 25.80
CA VAL B 105 12.61 -1.18 26.98
C VAL B 105 12.92 -2.65 26.68
N SER B 106 13.95 -3.19 27.33
CA SER B 106 14.42 -4.56 27.09
C SER B 106 14.03 -5.45 28.27
N ALA B 107 12.95 -6.21 28.11
CA ALA B 107 12.42 -7.03 29.20
C ALA B 107 12.92 -8.47 29.10
N GLY B 108 13.25 -9.06 30.25
CA GLY B 108 13.64 -10.46 30.29
C GLY B 108 12.43 -11.35 30.52
N VAL B 109 12.48 -12.56 29.92
CA VAL B 109 11.39 -13.52 30.01
C VAL B 109 11.95 -14.93 30.20
N ARG B 110 11.15 -15.78 30.85
CA ARG B 110 11.54 -17.17 31.10
C ARG B 110 11.48 -18.01 29.83
N GLY B 111 12.25 -19.12 29.85
CA GLY B 111 12.24 -20.09 28.78
C GLY B 111 12.24 -21.51 29.35
N ARG B 112 12.22 -22.49 28.44
CA ARG B 112 11.95 -23.87 28.84
C ARG B 112 12.87 -24.36 29.95
N THR B 113 14.10 -23.87 29.98
CA THR B 113 15.08 -24.25 30.97
C THR B 113 15.26 -23.12 31.97
N SER B 114 14.25 -22.91 32.81
CA SER B 114 14.35 -21.97 33.92
C SER B 114 13.85 -22.67 35.17
N GLY B 115 14.70 -22.73 36.20
CA GLY B 115 14.43 -23.50 37.41
C GLY B 115 15.49 -24.55 37.72
N LYS B 136 12.30 -27.48 39.75
CA LYS B 136 11.00 -27.17 39.13
C LYS B 136 11.17 -26.23 37.93
N MET B 137 10.53 -26.61 36.82
CA MET B 137 10.66 -25.89 35.55
C MET B 137 9.51 -24.88 35.43
N VAL B 138 9.83 -23.60 35.44
CA VAL B 138 8.82 -22.55 35.47
C VAL B 138 8.85 -21.67 34.24
N GLY B 139 9.65 -22.02 33.23
CA GLY B 139 9.69 -21.19 32.04
C GLY B 139 9.03 -21.84 30.84
N ARG B 140 8.21 -22.85 31.09
CA ARG B 140 7.57 -23.53 29.99
C ARG B 140 6.34 -22.75 29.54
N ALA B 141 5.75 -23.18 28.43
CA ALA B 141 4.69 -22.41 27.79
C ALA B 141 3.50 -22.30 28.73
N PRO B 142 2.86 -21.12 28.83
CA PRO B 142 3.11 -19.90 28.07
C PRO B 142 3.98 -18.82 28.74
N ALA B 143 5.01 -19.21 29.49
CA ALA B 143 5.75 -18.26 30.31
C ALA B 143 6.21 -17.04 29.52
N LEU B 144 6.82 -17.26 28.35
CA LEU B 144 7.46 -16.16 27.64
C LEU B 144 6.45 -15.08 27.25
N VAL B 145 5.22 -15.49 26.94
CA VAL B 145 4.18 -14.49 26.54
C VAL B 145 3.69 -13.75 27.78
N VAL B 146 3.49 -14.47 28.88
CA VAL B 146 2.98 -13.84 30.13
C VAL B 146 4.02 -12.81 30.59
N ASP B 147 5.28 -13.20 30.57
CA ASP B 147 6.36 -12.29 31.01
C ASP B 147 6.32 -10.99 30.18
N MET B 148 6.41 -11.10 28.85
CA MET B 148 6.45 -9.90 28.03
C MET B 148 5.18 -9.06 28.20
N LYS B 149 4.03 -9.72 28.36
CA LYS B 149 2.78 -9.00 28.62
C LYS B 149 2.87 -8.22 29.93
N ALA B 150 3.33 -8.89 30.99
CA ALA B 150 3.49 -8.22 32.28
C ALA B 150 4.38 -6.99 32.15
N ALA B 151 5.53 -7.14 31.49
CA ALA B 151 6.44 -6.03 31.31
C ALA B 151 5.74 -4.82 30.69
N ILE B 152 4.94 -5.06 29.66
CA ILE B 152 4.19 -3.97 29.03
C ILE B 152 3.25 -3.34 30.04
N ARG B 153 2.73 -4.14 30.98
CA ARG B 153 1.74 -3.58 31.92
C ARG B 153 2.42 -2.60 32.89
N TYR B 154 3.58 -2.97 33.42
CA TYR B 154 4.33 -2.05 34.32
C TYR B 154 4.47 -0.69 33.64
N LEU B 155 4.90 -0.68 32.38
CA LEU B 155 5.09 0.60 31.64
C LEU B 155 3.81 1.43 31.69
N ARG B 156 2.65 0.78 31.84
CA ARG B 156 1.37 1.51 31.86
C ARG B 156 1.03 1.86 33.31
N TYR B 157 1.31 0.96 34.25
CA TYR B 157 1.10 1.25 35.68
C TYR B 157 1.89 2.49 36.08
N ASN B 158 2.98 2.77 35.35
CA ASN B 158 3.84 3.92 35.66
C ASN B 158 3.81 4.84 34.45
N LYS B 159 2.65 4.96 33.81
CA LYS B 159 2.56 5.72 32.57
C LYS B 159 3.10 7.14 32.73
N GLY B 160 2.70 7.82 33.81
CA GLY B 160 3.10 9.22 33.98
C GLY B 160 4.58 9.38 34.26
N ARG B 161 5.17 8.43 35.00
CA ARG B 161 6.58 8.45 35.35
C ARG B 161 7.49 8.01 34.21
N ILE B 162 6.96 7.32 33.21
CA ILE B 162 7.78 6.52 32.29
C ILE B 162 8.11 7.33 31.05
N PRO B 163 9.32 7.22 30.52
CA PRO B 163 9.65 7.94 29.29
C PRO B 163 8.97 7.32 28.08
N GLY B 164 8.73 8.15 27.07
CA GLY B 164 8.20 7.65 25.82
C GLY B 164 6.69 7.51 25.83
N ASN B 165 6.17 7.16 24.66
CA ASN B 165 4.73 7.08 24.40
C ASN B 165 4.29 5.63 24.45
N THR B 166 3.52 5.26 25.48
CA THR B 166 3.06 3.88 25.62
C THR B 166 1.98 3.52 24.61
N GLU B 167 1.44 4.48 23.88
CA GLU B 167 0.55 4.19 22.78
C GLU B 167 1.32 3.81 21.51
N CYS B 168 2.64 3.73 21.61
CA CYS B 168 3.51 3.51 20.47
C CYS B 168 4.57 2.46 20.83
N ILE B 169 4.11 1.36 21.39
CA ILE B 169 4.96 0.22 21.69
C ILE B 169 5.13 -0.64 20.44
N VAL B 170 6.38 -0.98 20.11
CA VAL B 170 6.75 -1.76 18.93
C VAL B 170 7.69 -2.87 19.36
N THR B 171 7.28 -4.12 19.15
CA THR B 171 8.08 -5.29 19.47
C THR B 171 8.94 -5.74 18.29
N ASN B 172 10.13 -6.26 18.60
CA ASN B 172 10.94 -6.94 17.60
C ASN B 172 11.51 -8.21 18.21
N GLY B 173 11.87 -9.16 17.35
CA GLY B 173 12.51 -10.39 17.76
C GLY B 173 12.74 -11.31 16.57
N THR B 174 13.60 -12.32 16.70
CA THR B 174 13.80 -13.23 15.58
C THR B 174 13.61 -14.68 16.02
N SER B 175 13.07 -15.49 15.10
CA SER B 175 12.91 -16.94 15.31
C SER B 175 11.82 -17.20 16.34
N ALA B 176 12.14 -17.97 17.38
CA ALA B 176 11.22 -18.07 18.50
C ALA B 176 10.88 -16.69 19.08
N GLY B 177 11.84 -15.75 19.05
CA GLY B 177 11.58 -14.42 19.53
C GLY B 177 10.77 -13.56 18.58
N GLY B 178 10.85 -13.84 17.27
CA GLY B 178 9.90 -13.28 16.33
C GLY B 178 8.49 -13.81 16.52
N ALA B 179 8.38 -15.08 16.94
CA ALA B 179 7.07 -15.61 17.31
C ALA B 179 6.47 -14.81 18.46
N LEU B 180 7.21 -14.72 19.58
CA LEU B 180 6.74 -13.95 20.73
C LEU B 180 6.26 -12.58 20.30
N SER B 181 7.04 -11.89 19.45
CA SER B 181 6.62 -10.59 18.94
C SER B 181 5.27 -10.68 18.23
N ALA B 182 4.99 -11.82 17.56
CA ALA B 182 3.73 -11.96 16.85
C ALA B 182 2.57 -12.24 17.80
N ILE B 183 2.77 -13.10 18.81
CA ILE B 183 1.68 -13.37 19.74
C ILE B 183 1.28 -12.10 20.48
N ILE B 184 2.26 -11.30 20.91
CA ILE B 184 1.92 -10.08 21.63
C ILE B 184 1.10 -9.14 20.73
N GLY B 185 1.53 -8.98 19.47
CA GLY B 185 0.77 -8.16 18.53
C GLY B 185 -0.61 -8.68 18.20
N ALA B 186 -0.83 -9.99 18.37
CA ALA B 186 -2.09 -10.61 17.96
C ALA B 186 -3.14 -10.60 19.06
N SER B 187 -2.76 -11.01 20.28
CA SER B 187 -3.70 -11.32 21.36
C SER B 187 -3.74 -10.24 22.44
N GLY B 188 -3.66 -8.96 22.06
CA GLY B 188 -3.73 -7.88 23.02
C GLY B 188 -4.99 -7.89 23.87
N ASN B 189 -4.81 -7.82 25.20
CA ASN B 189 -5.91 -7.75 26.16
C ASN B 189 -6.81 -8.98 26.09
N SER B 190 -6.26 -10.14 25.73
CA SER B 190 -7.06 -11.35 25.65
C SER B 190 -7.05 -12.06 27.00
N GLU B 191 -8.25 -12.34 27.53
CA GLU B 191 -8.37 -12.88 28.88
C GLU B 191 -7.68 -14.23 29.06
N ASP B 192 -7.34 -14.92 27.96
CA ASP B 192 -6.76 -16.25 28.08
C ASP B 192 -5.52 -16.25 28.97
N TYR B 193 -4.81 -15.13 29.06
CA TYR B 193 -3.60 -15.01 29.86
C TYR B 193 -3.86 -14.42 31.25
N ASN B 194 -5.08 -13.92 31.50
CA ASN B 194 -5.40 -13.31 32.78
C ASN B 194 -5.12 -14.20 33.99
N PRO B 195 -5.40 -15.52 33.96
CA PRO B 195 -4.97 -16.38 35.07
C PRO B 195 -3.48 -16.29 35.39
N TYR B 196 -2.63 -16.56 34.39
CA TYR B 196 -1.20 -16.61 34.65
C TYR B 196 -0.64 -15.21 34.95
N LEU B 197 -1.29 -14.18 34.42
CA LEU B 197 -0.84 -12.81 34.71
C LEU B 197 -0.99 -12.55 36.21
N LYS B 198 -2.14 -12.91 36.77
CA LYS B 198 -2.38 -12.68 38.18
C LYS B 198 -1.46 -13.53 39.04
N GLU B 199 -1.17 -14.75 38.58
CA GLU B 199 -0.37 -15.68 39.39
C GLU B 199 1.01 -15.12 39.72
N ILE B 200 1.53 -14.22 38.90
CA ILE B 200 2.83 -13.60 39.16
C ILE B 200 2.69 -12.17 39.65
N GLY B 201 1.47 -11.73 39.93
CA GLY B 201 1.27 -10.38 40.43
C GLY B 201 1.58 -9.30 39.43
N ALA B 202 1.15 -9.47 38.18
CA ALA B 202 1.32 -8.43 37.20
C ALA B 202 0.18 -7.44 37.29
N ALA B 203 0.47 -6.19 36.92
CA ALA B 203 -0.52 -5.14 37.02
C ALA B 203 -1.73 -5.47 36.16
N ASP B 204 -2.80 -4.71 36.35
CA ASP B 204 -3.99 -4.84 35.53
C ASP B 204 -4.06 -3.60 34.63
N GLU B 205 -3.26 -3.63 33.57
CA GLU B 205 -3.31 -2.62 32.53
C GLU B 205 -3.42 -3.33 31.18
N ARG B 206 -3.58 -2.54 30.12
CA ARG B 206 -3.56 -3.08 28.77
C ARG B 206 -2.19 -3.69 28.45
N ASP B 207 -2.19 -4.73 27.60
CA ASP B 207 -0.94 -5.27 27.08
C ASP B 207 -0.87 -5.28 25.56
N ASP B 208 -1.81 -4.63 24.87
CA ASP B 208 -1.77 -4.51 23.42
C ASP B 208 -0.67 -3.55 23.00
N ILE B 209 -0.29 -3.67 21.73
CA ILE B 209 0.84 -2.86 21.24
C ILE B 209 0.46 -2.15 19.94
N PHE B 210 1.29 -1.21 19.52
CA PHE B 210 1.06 -0.43 18.31
C PHE B 210 1.44 -1.21 17.05
N ALA B 211 2.62 -1.86 17.06
CA ALA B 211 3.10 -2.56 15.88
C ALA B 211 3.93 -3.77 16.30
N ALA B 212 3.99 -4.76 15.40
CA ALA B 212 4.73 -6.00 15.62
C ALA B 212 5.69 -6.23 14.45
N SER B 213 6.97 -6.35 14.76
CA SER B 213 7.99 -6.71 13.79
C SER B 213 8.54 -8.10 14.13
N CYS B 214 8.54 -9.00 13.13
CA CYS B 214 8.83 -10.42 13.30
C CYS B 214 9.78 -10.89 12.21
N TYR B 215 10.97 -11.34 12.60
CA TYR B 215 11.90 -12.01 11.70
C TYR B 215 11.76 -13.52 11.88
N CYS B 216 11.53 -14.24 10.76
CA CYS B 216 11.38 -15.70 10.67
C CYS B 216 10.74 -16.30 11.91
N PRO B 217 9.55 -15.84 12.31
CA PRO B 217 8.90 -16.37 13.52
C PRO B 217 8.63 -17.85 13.40
N ILE B 218 9.18 -18.63 14.34
CA ILE B 218 8.85 -20.05 14.45
C ILE B 218 7.59 -20.16 15.29
N HIS B 219 6.45 -20.27 14.62
CA HIS B 219 5.14 -20.22 15.25
C HIS B 219 4.21 -21.15 14.50
N ASN B 220 2.94 -21.18 14.92
CA ASN B 220 1.94 -22.08 14.34
C ASN B 220 2.42 -23.53 14.45
N LEU B 221 2.92 -23.87 15.63
CA LEU B 221 3.70 -25.09 15.81
C LEU B 221 2.87 -26.34 15.61
N GLU B 222 1.61 -26.32 16.02
CA GLU B 222 0.78 -27.51 15.88
C GLU B 222 0.50 -27.88 14.42
N ASN B 223 0.91 -27.05 13.45
CA ASN B 223 0.72 -27.37 12.05
C ASN B 223 2.00 -27.31 11.22
N ALA B 224 3.14 -27.03 11.85
CA ALA B 224 4.35 -26.80 11.09
C ALA B 224 4.91 -28.09 10.50
N ASP B 225 4.65 -29.24 11.15
CA ASP B 225 5.17 -30.51 10.62
C ASP B 225 4.54 -30.84 9.27
N ALA B 226 3.20 -30.75 9.19
CA ALA B 226 2.54 -31.00 7.93
C ALA B 226 2.98 -30.00 6.88
N ALA B 227 3.16 -28.72 7.27
CA ALA B 227 3.62 -27.72 6.32
C ALA B 227 5.04 -28.02 5.85
N TYR B 228 5.94 -28.40 6.77
CA TYR B 228 7.31 -28.69 6.38
C TYR B 228 7.39 -29.82 5.36
N GLU B 229 6.59 -30.88 5.58
CA GLU B 229 6.62 -32.01 4.64
C GLU B 229 5.92 -31.69 3.33
N TRP B 230 4.86 -30.88 3.34
CA TRP B 230 4.31 -30.39 2.07
C TRP B 230 5.40 -29.72 1.24
N GLN B 231 6.27 -28.95 1.88
CA GLN B 231 7.35 -28.30 1.15
C GLN B 231 8.47 -29.27 0.77
N PHE B 232 8.79 -30.26 1.62
CA PHE B 232 10.07 -30.96 1.45
C PHE B 232 9.97 -32.46 1.19
N CYS B 233 8.82 -33.09 1.38
CA CYS B 233 8.64 -34.51 1.04
C CYS B 233 9.15 -34.82 -0.36
N GLY B 234 9.84 -35.96 -0.51
CA GLY B 234 10.52 -36.28 -1.74
C GLY B 234 11.94 -35.76 -1.85
N TYR B 235 12.39 -34.95 -0.89
CA TYR B 235 13.76 -34.42 -0.83
C TYR B 235 14.35 -34.91 0.48
N ASN B 236 15.10 -36.01 0.43
CA ASN B 236 15.39 -36.78 1.63
C ASN B 236 16.77 -36.53 2.22
N ASP B 237 17.67 -35.86 1.50
CA ASP B 237 18.94 -35.43 2.07
C ASP B 237 18.76 -34.08 2.79
N TYR B 238 19.22 -34.01 4.04
CA TYR B 238 19.08 -32.82 4.86
C TYR B 238 20.47 -32.32 5.28
N HIS B 239 20.56 -31.01 5.49
CA HIS B 239 21.80 -30.31 5.83
C HIS B 239 21.53 -29.22 6.85
N ARG B 240 22.29 -29.23 7.95
CA ARG B 240 22.12 -28.27 9.04
C ARG B 240 23.47 -27.79 9.54
N ILE B 241 23.59 -26.49 9.79
CA ILE B 241 24.82 -25.88 10.30
C ILE B 241 24.52 -25.24 11.65
N LYS B 242 25.30 -25.60 12.67
CA LYS B 242 25.17 -25.06 14.01
C LYS B 242 26.44 -24.30 14.38
N HIS B 243 26.29 -23.03 14.78
CA HIS B 243 27.41 -22.19 15.23
C HIS B 243 27.36 -22.06 16.74
N VAL B 244 28.41 -22.50 17.43
CA VAL B 244 28.52 -22.38 18.88
C VAL B 244 29.15 -21.04 19.23
N ARG B 245 28.54 -20.33 20.20
CA ARG B 245 28.96 -18.99 20.60
C ARG B 245 29.97 -19.04 21.74
N SER B 246 30.99 -18.18 21.66
CA SER B 246 31.95 -17.97 22.74
C SER B 246 32.89 -16.83 22.33
N GLU B 247 33.35 -16.06 23.33
CA GLU B 247 34.14 -14.88 23.02
C GLU B 247 35.56 -15.24 22.58
N SER B 248 36.11 -16.32 23.10
CA SER B 248 37.30 -16.92 22.52
C SER B 248 36.88 -18.22 21.84
N GLY B 249 37.57 -18.55 20.75
CA GLY B 249 37.40 -19.84 20.10
C GLY B 249 36.13 -19.96 19.27
N VAL B 250 36.10 -21.03 18.47
CA VAL B 250 35.05 -21.33 17.51
C VAL B 250 34.65 -22.79 17.66
N LYS B 251 33.39 -23.09 17.35
CA LYS B 251 32.94 -24.48 17.15
C LYS B 251 31.80 -24.48 16.12
N ASN B 252 32.11 -24.95 14.91
CA ASN B 252 31.15 -25.11 13.83
C ASN B 252 30.78 -26.58 13.67
N ILE B 253 29.50 -26.85 13.44
CA ILE B 253 28.98 -28.22 13.37
C ILE B 253 28.13 -28.36 12.13
N GLN B 254 28.61 -29.16 11.17
CA GLN B 254 27.89 -29.48 9.94
C GLN B 254 27.26 -30.85 10.09
N ILE B 255 25.95 -30.94 9.90
CA ILE B 255 25.23 -32.20 9.92
C ILE B 255 24.68 -32.47 8.53
N ASP B 256 25.12 -33.57 7.90
CA ASP B 256 24.67 -33.94 6.55
C ASP B 256 24.15 -35.37 6.57
N GLY B 257 22.87 -35.54 6.26
CA GLY B 257 22.29 -36.87 6.30
C GLY B 257 21.27 -37.21 5.22
N ILE B 258 20.63 -38.36 5.38
CA ILE B 258 19.55 -38.83 4.51
C ILE B 258 18.48 -39.46 5.40
N LEU B 259 17.21 -39.23 5.06
CA LEU B 259 16.10 -39.78 5.84
C LEU B 259 16.15 -41.30 5.88
N THR B 260 15.75 -41.88 7.00
CA THR B 260 15.58 -43.33 7.08
C THR B 260 14.27 -43.73 6.40
N GLU B 261 14.19 -45.02 6.04
CA GLU B 261 12.97 -45.54 5.42
C GLU B 261 11.74 -45.18 6.25
N LYS B 262 11.83 -45.36 7.57
CA LYS B 262 10.75 -44.92 8.44
C LYS B 262 10.46 -43.43 8.28
N GLN B 263 11.52 -42.62 8.18
CA GLN B 263 11.30 -41.17 8.09
C GLN B 263 10.67 -40.78 6.75
N ILE B 264 11.09 -41.42 5.65
CA ILE B 264 10.48 -41.18 4.35
C ILE B 264 8.99 -41.51 4.40
N LYS B 265 8.63 -42.53 5.19
CA LYS B 265 7.22 -42.85 5.35
C LYS B 265 6.49 -41.76 6.14
N ILE B 266 7.08 -41.31 7.25
CA ILE B 266 6.49 -40.23 8.03
C ILE B 266 6.34 -38.99 7.16
N SER B 267 7.36 -38.70 6.36
CA SER B 267 7.31 -37.58 5.41
C SER B 267 6.00 -37.61 4.58
N GLU B 268 5.71 -38.75 3.97
CA GLU B 268 4.57 -38.82 3.05
C GLU B 268 3.24 -38.69 3.78
N GLU B 269 3.10 -39.36 4.94
CA GLU B 269 1.88 -39.23 5.73
C GLU B 269 1.62 -37.78 6.10
N LEU B 270 2.67 -37.11 6.61
CA LEU B 270 2.52 -35.73 7.07
C LEU B 270 2.12 -34.79 5.93
N LYS B 271 2.73 -34.95 4.76
CA LYS B 271 2.39 -34.12 3.61
C LYS B 271 0.89 -34.16 3.32
N ARG B 272 0.29 -35.34 3.37
CA ARG B 272 -1.12 -35.48 3.03
C ARG B 272 -2.02 -34.77 4.03
N LEU B 273 -1.50 -34.48 5.24
CA LEU B 273 -2.30 -33.83 6.27
C LEU B 273 -2.56 -32.36 5.96
N PHE B 274 -1.66 -31.71 5.23
CA PHE B 274 -1.67 -30.24 5.15
C PHE B 274 -2.88 -29.65 4.40
N PRO B 275 -3.32 -30.21 3.26
CA PRO B 275 -4.37 -29.50 2.49
C PRO B 275 -5.64 -29.21 3.29
N LYS B 276 -6.13 -30.14 4.10
CA LYS B 276 -7.33 -29.87 4.90
C LYS B 276 -7.12 -28.65 5.79
N TYR B 277 -5.99 -28.60 6.51
CA TYR B 277 -5.71 -27.45 7.38
C TYR B 277 -5.65 -26.16 6.57
N LEU B 278 -4.83 -26.16 5.51
CA LEU B 278 -4.72 -24.97 4.68
C LEU B 278 -6.09 -24.55 4.12
N ASN B 279 -6.79 -25.47 3.46
CA ASN B 279 -8.10 -25.12 2.90
C ASN B 279 -9.05 -24.60 3.97
N SER B 280 -8.98 -25.16 5.17
CA SER B 280 -9.89 -24.71 6.22
C SER B 280 -9.68 -23.25 6.64
N LEU B 281 -8.55 -22.63 6.29
CA LEU B 281 -8.33 -21.22 6.68
C LEU B 281 -9.01 -20.24 5.73
N LYS B 282 -9.42 -20.69 4.55
CA LYS B 282 -10.14 -19.88 3.57
C LYS B 282 -9.49 -18.50 3.39
N LEU B 283 -8.26 -18.53 2.87
CA LEU B 283 -7.41 -17.37 2.69
C LEU B 283 -7.53 -16.81 1.27
N LYS B 284 -7.22 -15.51 1.14
CA LYS B 284 -7.24 -14.83 -0.15
C LYS B 284 -5.97 -14.01 -0.33
N ASP B 285 -5.47 -13.96 -1.57
CA ASP B 285 -4.38 -13.04 -1.84
C ASP B 285 -4.91 -11.62 -1.98
N SER B 286 -4.00 -10.70 -2.32
CA SER B 286 -4.31 -9.28 -2.42
C SER B 286 -5.36 -8.97 -3.48
N SER B 287 -5.66 -9.93 -4.36
CA SER B 287 -6.60 -9.73 -5.45
C SER B 287 -7.93 -10.40 -5.19
N ASN B 288 -8.07 -11.08 -4.04
CA ASN B 288 -9.27 -11.85 -3.68
C ASN B 288 -9.39 -13.15 -4.47
N ASN B 289 -8.25 -13.68 -4.93
CA ASN B 289 -8.19 -15.07 -5.39
C ASN B 289 -8.18 -16.01 -4.20
N GLU B 290 -9.01 -17.05 -4.27
CA GLU B 290 -9.08 -18.09 -3.26
C GLU B 290 -7.81 -18.93 -3.25
N LEU B 291 -7.15 -19.04 -2.09
CA LEU B 291 -5.91 -19.82 -1.95
C LEU B 291 -6.21 -21.20 -1.37
N LEU B 292 -6.00 -22.25 -2.18
CA LEU B 292 -6.43 -23.59 -1.82
C LEU B 292 -5.40 -24.62 -2.28
N LEU B 293 -5.51 -25.82 -1.73
CA LEU B 293 -4.63 -26.92 -2.06
C LEU B 293 -5.46 -28.17 -2.30
N ASP B 294 -5.10 -28.93 -3.33
CA ASP B 294 -5.77 -30.18 -3.59
C ASP B 294 -5.04 -31.32 -2.87
N GLU B 295 -5.52 -32.54 -3.09
CA GLU B 295 -5.06 -33.75 -2.39
C GLU B 295 -3.57 -34.00 -2.53
N ASN B 296 -2.95 -33.49 -3.59
CA ASN B 296 -1.53 -33.72 -3.84
C ASN B 296 -0.65 -32.54 -3.43
N GLY B 297 -1.21 -31.53 -2.79
CA GLY B 297 -0.42 -30.36 -2.42
C GLY B 297 -0.20 -29.35 -3.52
N GLU B 298 -0.98 -29.41 -4.60
CA GLU B 298 -0.96 -28.43 -5.68
C GLU B 298 -2.22 -27.57 -5.63
N GLY B 299 -2.16 -26.43 -6.32
CA GLY B 299 -3.28 -25.50 -6.36
C GLY B 299 -2.83 -24.06 -6.20
N SER B 300 -3.79 -23.18 -5.87
CA SER B 300 -3.53 -21.75 -5.89
C SER B 300 -2.62 -21.32 -4.75
N PHE B 301 -2.65 -22.02 -3.61
CA PHE B 301 -1.75 -21.67 -2.52
C PHE B 301 -0.31 -21.93 -2.88
N LYS B 302 -0.03 -23.04 -3.58
CA LYS B 302 1.31 -23.30 -4.10
C LYS B 302 1.72 -22.22 -5.10
N GLU B 303 0.79 -21.78 -5.94
CA GLU B 303 1.14 -20.74 -6.89
C GLU B 303 1.42 -19.42 -6.18
N TYR B 304 0.73 -19.15 -5.09
CA TYR B 304 1.02 -17.95 -4.33
C TYR B 304 2.42 -18.01 -3.74
N ILE B 305 2.80 -19.15 -3.17
CA ILE B 305 4.15 -19.34 -2.65
C ILE B 305 5.18 -19.16 -3.76
N LYS B 306 4.95 -19.82 -4.89
CA LYS B 306 5.88 -19.73 -6.02
C LYS B 306 6.06 -18.30 -6.48
N LYS B 307 4.98 -17.51 -6.50
CA LYS B 307 5.07 -16.11 -6.91
C LYS B 307 5.84 -15.29 -5.88
N LEU B 308 5.65 -15.57 -4.59
CA LEU B 308 6.43 -14.92 -3.55
C LEU B 308 7.92 -15.06 -3.85
N VAL B 309 8.35 -16.26 -4.24
CA VAL B 309 9.77 -16.51 -4.50
C VAL B 309 10.19 -15.84 -5.81
N ILE B 310 9.35 -15.89 -6.84
CA ILE B 310 9.65 -15.24 -8.11
C ILE B 310 9.90 -13.77 -7.88
N ASN B 311 9.04 -13.13 -7.08
CA ASN B 311 9.18 -11.71 -6.78
C ASN B 311 10.44 -11.43 -5.99
N SER B 312 10.75 -12.28 -5.00
CA SER B 312 12.00 -12.17 -4.27
C SER B 312 13.20 -12.09 -5.23
N ALA B 313 13.26 -13.00 -6.21
CA ALA B 313 14.32 -12.93 -7.20
C ALA B 313 14.20 -11.67 -8.06
N GLN B 314 12.98 -11.21 -8.35
CA GLN B 314 12.83 -10.02 -9.18
C GLN B 314 13.42 -8.80 -8.50
N LYS B 315 13.20 -8.67 -7.18
CA LYS B 315 13.75 -7.52 -6.47
C LYS B 315 15.27 -7.52 -6.50
N GLU B 316 15.86 -8.71 -6.39
CA GLU B 316 17.31 -8.81 -6.47
C GLU B 316 17.81 -8.41 -7.86
N LEU B 317 17.27 -9.05 -8.90
CA LEU B 317 17.63 -8.75 -10.27
C LEU B 317 17.53 -7.25 -10.58
N ASP B 318 16.50 -6.59 -10.04
CA ASP B 318 16.30 -5.16 -10.27
C ASP B 318 17.44 -4.29 -9.74
N LEU B 319 18.35 -4.84 -8.94
CA LEU B 319 19.42 -4.02 -8.38
C LEU B 319 20.58 -3.84 -9.35
N CYS B 320 20.45 -4.39 -10.56
CA CYS B 320 21.51 -4.24 -11.58
C CYS B 320 20.94 -4.54 -12.96
N CYS B 332 23.61 -10.71 -11.09
CA CYS B 332 24.72 -9.77 -11.05
C CYS B 332 25.45 -9.85 -9.71
N GLY B 333 25.11 -8.90 -8.83
CA GLY B 333 25.73 -8.72 -7.52
C GLY B 333 26.19 -10.01 -6.87
N SER B 334 25.27 -10.96 -6.75
CA SER B 334 25.63 -12.31 -6.33
C SER B 334 24.55 -13.28 -6.78
N LYS B 335 24.95 -14.23 -7.61
CA LYS B 335 24.21 -15.45 -7.93
C LYS B 335 23.00 -15.22 -8.84
N ILE B 336 22.30 -14.08 -8.69
CA ILE B 336 20.97 -13.94 -9.28
C ILE B 336 20.99 -14.15 -10.79
N ASP B 337 22.09 -13.78 -11.44
CA ASP B 337 22.12 -13.80 -12.91
C ASP B 337 22.17 -15.23 -13.44
N GLU B 338 22.87 -16.11 -12.74
CA GLU B 338 23.20 -17.43 -13.21
C GLU B 338 22.54 -18.51 -12.36
N GLN B 339 21.32 -18.24 -11.89
CA GLN B 339 20.53 -19.25 -11.19
C GLN B 339 19.73 -19.99 -12.24
N GLU B 340 20.16 -21.21 -12.54
CA GLU B 340 19.57 -21.96 -13.65
C GLU B 340 18.08 -22.21 -13.44
N TYR B 341 17.63 -22.42 -12.20
CA TYR B 341 16.22 -22.67 -11.96
C TYR B 341 15.34 -21.42 -12.16
N LEU B 342 15.92 -20.30 -12.57
CA LEU B 342 15.15 -19.09 -12.84
C LEU B 342 15.00 -18.93 -14.34
N SER B 343 13.81 -18.48 -14.76
CA SER B 343 13.52 -18.19 -16.15
C SER B 343 13.36 -16.68 -16.29
N ILE B 344 14.28 -16.07 -17.02
CA ILE B 344 14.33 -14.62 -17.20
C ILE B 344 14.17 -14.29 -18.68
N GLU B 345 13.38 -13.24 -18.96
CA GLU B 345 13.22 -12.72 -20.30
C GLU B 345 13.18 -11.20 -20.20
N ASP B 346 14.20 -10.53 -20.77
CA ASP B 346 14.30 -9.07 -20.70
C ASP B 346 14.33 -8.60 -19.25
N GLU B 347 15.25 -9.16 -18.47
CA GLU B 347 15.41 -8.83 -17.07
C GLU B 347 14.06 -8.83 -16.35
N LYS B 348 13.33 -9.94 -16.51
CA LYS B 348 12.05 -10.12 -15.84
C LYS B 348 11.89 -11.60 -15.55
N VAL B 349 11.72 -11.95 -14.27
CA VAL B 349 11.58 -13.35 -13.87
C VAL B 349 10.16 -13.79 -14.22
N VAL B 350 10.03 -14.67 -15.20
CA VAL B 350 8.71 -15.06 -15.68
C VAL B 350 8.22 -16.37 -15.09
N ASP B 351 9.11 -17.21 -14.59
CA ASP B 351 8.74 -18.47 -13.96
C ASP B 351 9.97 -18.99 -13.23
N ILE B 352 9.75 -19.96 -12.37
CA ILE B 352 10.81 -20.63 -11.63
C ILE B 352 10.58 -22.13 -11.67
N ASN B 353 11.66 -22.88 -11.85
CA ASN B 353 11.63 -24.34 -11.76
C ASN B 353 11.64 -24.67 -10.27
N TRP B 354 10.46 -25.05 -9.74
CA TRP B 354 10.32 -25.25 -8.29
C TRP B 354 11.20 -26.38 -7.80
N ASP B 355 11.23 -27.49 -8.54
CA ASP B 355 12.06 -28.61 -8.12
C ASP B 355 13.52 -28.16 -7.96
N GLY B 356 13.98 -27.27 -8.83
CA GLY B 356 15.34 -26.78 -8.74
C GLY B 356 15.57 -25.80 -7.60
N PHE B 357 14.57 -25.00 -7.27
CA PHE B 357 14.70 -24.07 -6.16
C PHE B 357 14.80 -24.82 -4.84
N ILE B 358 14.03 -25.90 -4.69
CA ILE B 358 14.07 -26.73 -3.49
C ILE B 358 15.40 -27.47 -3.40
N LYS B 359 15.83 -28.07 -4.51
CA LYS B 359 17.15 -28.70 -4.52
C LYS B 359 18.24 -27.71 -4.15
N LYS B 360 18.06 -26.44 -4.52
CA LYS B 360 19.05 -25.42 -4.21
C LYS B 360 19.07 -25.13 -2.71
N ILE B 361 17.91 -24.92 -2.10
CA ILE B 361 17.93 -24.57 -0.69
C ILE B 361 18.16 -25.81 0.18
N THR B 362 17.76 -26.99 -0.31
CA THR B 362 17.80 -28.28 0.38
C THR B 362 16.99 -28.31 1.67
N ARG B 363 16.56 -29.51 2.05
CA ARG B 363 15.93 -29.75 3.34
C ARG B 363 16.91 -29.42 4.48
N MET B 364 16.35 -29.14 5.65
CA MET B 364 17.18 -28.95 6.83
C MET B 364 16.77 -29.85 7.98
N LYS B 365 15.47 -29.98 8.26
CA LYS B 365 15.03 -30.78 9.37
C LYS B 365 14.46 -32.11 8.88
N VAL B 366 14.51 -33.12 9.74
CA VAL B 366 13.98 -34.45 9.42
C VAL B 366 12.47 -34.46 9.62
N ALA B 367 11.83 -35.61 9.32
CA ALA B 367 10.40 -35.73 9.55
C ALA B 367 10.14 -36.57 10.79
N PRO B 368 9.29 -36.11 11.71
CA PRO B 368 8.70 -34.76 11.68
C PRO B 368 9.73 -33.68 12.09
N ALA B 369 9.51 -32.40 11.80
CA ALA B 369 10.51 -31.39 12.08
C ALA B 369 10.31 -30.66 13.41
N PHE B 370 9.20 -30.90 14.11
CA PHE B 370 8.87 -30.10 15.28
C PHE B 370 8.33 -30.95 16.43
N ASP B 371 7.41 -31.87 16.16
CA ASP B 371 6.89 -32.73 17.22
C ASP B 371 7.56 -34.08 17.07
N ALA B 372 8.76 -34.17 17.65
CA ALA B 372 9.57 -35.38 17.51
C ALA B 372 8.89 -36.57 18.14
N LEU B 373 9.06 -37.74 17.52
CA LEU B 373 8.53 -38.96 18.12
C LEU B 373 9.31 -39.34 19.37
N ASP B 374 10.63 -39.07 19.41
CA ASP B 374 11.42 -39.30 20.62
C ASP B 374 11.23 -38.20 21.66
N LEU B 375 10.37 -37.23 21.42
CA LEU B 375 10.11 -36.11 22.33
C LEU B 375 11.33 -35.22 22.53
N LYS B 376 12.37 -35.35 21.71
CA LYS B 376 13.62 -34.62 21.87
C LYS B 376 13.69 -33.46 20.87
N SER B 377 12.79 -32.50 21.06
CA SER B 377 12.73 -31.31 20.24
C SER B 377 12.65 -30.10 21.15
N PRO B 378 13.25 -28.96 20.74
CA PRO B 378 13.10 -27.74 21.57
C PRO B 378 11.65 -27.39 21.79
N GLU B 379 10.82 -27.62 20.77
CA GLU B 379 9.40 -27.35 20.88
C GLU B 379 8.68 -28.40 21.73
N ASN B 380 9.22 -29.62 21.78
CA ASN B 380 8.66 -30.64 22.65
C ASN B 380 8.80 -30.24 24.13
N GLU B 381 9.98 -29.77 24.51
CA GLU B 381 10.19 -29.34 25.89
C GLU B 381 9.37 -28.10 26.23
N GLU B 382 9.27 -27.15 25.28
CA GLU B 382 8.51 -25.92 25.53
C GLU B 382 7.06 -26.22 25.90
N PHE B 383 6.52 -27.34 25.44
CA PHE B 383 5.17 -27.75 25.81
C PHE B 383 5.15 -28.81 26.91
N GLY B 384 6.29 -29.09 27.53
CA GLY B 384 6.31 -29.74 28.81
C GLY B 384 5.84 -28.79 29.91
N THR B 385 5.80 -29.32 31.13
CA THR B 385 5.36 -28.57 32.30
C THR B 385 6.49 -28.54 33.34
N GLU B 386 6.14 -28.17 34.58
CA GLU B 386 7.12 -28.09 35.66
C GLU B 386 7.57 -29.46 36.16
N ALA B 387 6.86 -30.51 35.74
CA ALA B 387 7.22 -31.89 36.15
C ALA B 387 7.62 -32.72 34.94
N ILE B 388 6.90 -32.56 33.83
CA ILE B 388 7.17 -33.36 32.65
C ILE B 388 8.20 -32.65 31.78
N LYS B 389 9.24 -33.38 31.38
CA LYS B 389 10.32 -32.79 30.59
C LYS B 389 9.83 -32.33 29.23
N ALA B 390 9.07 -33.17 28.53
CA ALA B 390 8.57 -32.86 27.20
C ALA B 390 7.14 -33.38 27.04
N LYS B 391 6.50 -32.98 25.95
CA LYS B 391 5.16 -33.44 25.63
C LYS B 391 4.94 -33.33 24.12
N HIS B 392 4.07 -34.18 23.61
CA HIS B 392 3.63 -34.03 22.22
C HIS B 392 2.61 -32.89 22.12
N PHE B 393 2.42 -32.41 20.88
CA PHE B 393 1.48 -31.34 20.64
C PHE B 393 0.77 -31.47 19.30
N THR B 394 0.80 -32.66 18.70
CA THR B 394 0.09 -32.99 17.47
C THR B 394 -0.46 -34.40 17.58
N ALA B 395 -1.68 -34.60 17.06
CA ALA B 395 -2.26 -35.93 17.08
C ALA B 395 -1.35 -36.95 16.42
N TYR B 396 -0.74 -36.57 15.29
CA TYR B 396 0.08 -37.53 14.56
C TYR B 396 1.26 -37.99 15.40
N SER B 397 1.93 -37.05 16.10
CA SER B 397 3.12 -37.41 16.86
C SER B 397 2.77 -38.19 18.12
N GLN B 398 1.68 -37.82 18.81
CA GLN B 398 1.16 -38.66 19.88
C GLN B 398 0.82 -40.06 19.36
N GLU B 399 0.13 -40.13 18.22
CA GLU B 399 -0.29 -41.43 17.70
C GLU B 399 0.91 -42.32 17.40
N HIS B 400 1.88 -41.81 16.64
CA HIS B 400 3.06 -42.58 16.26
C HIS B 400 4.23 -42.39 17.24
N SER B 401 3.96 -42.01 18.48
CA SER B 401 5.01 -41.67 19.43
C SER B 401 5.96 -42.85 19.66
N GLU B 402 7.26 -42.60 19.54
CA GLU B 402 8.28 -43.62 19.78
C GLU B 402 8.66 -43.76 21.25
N VAL B 403 8.01 -43.02 22.15
CA VAL B 403 8.35 -43.04 23.58
C VAL B 403 7.09 -42.73 24.38
N GLU B 404 7.15 -43.02 25.67
CA GLU B 404 6.01 -42.78 26.54
C GLU B 404 5.80 -41.28 26.69
N GLY B 405 4.57 -40.83 26.51
CA GLY B 405 4.31 -39.41 26.66
C GLY B 405 2.83 -39.12 26.53
N THR B 406 2.47 -37.91 26.92
CA THR B 406 1.09 -37.44 26.86
C THR B 406 1.00 -36.26 25.90
N LEU B 407 -0.24 -35.81 25.68
CA LEU B 407 -0.55 -34.69 24.80
C LEU B 407 -0.71 -33.41 25.60
N ALA B 408 -0.02 -32.36 25.18
CA ALA B 408 -0.13 -31.07 25.86
C ALA B 408 -1.56 -30.55 25.78
N ASP B 409 -1.88 -29.59 26.64
CA ASP B 409 -3.25 -29.02 26.70
C ASP B 409 -3.53 -28.16 25.47
N PRO B 410 -4.55 -28.49 24.64
CA PRO B 410 -4.91 -27.64 23.51
C PRO B 410 -4.98 -26.17 23.91
N LYS B 411 -5.48 -25.87 25.11
CA LYS B 411 -5.62 -24.46 25.51
C LYS B 411 -4.24 -23.85 25.71
N ILE B 412 -3.27 -24.68 26.08
CA ILE B 412 -1.89 -24.13 26.19
C ILE B 412 -1.37 -23.85 24.78
N ILE B 413 -1.32 -24.88 23.94
CA ILE B 413 -0.92 -24.71 22.55
C ILE B 413 -1.53 -23.44 21.99
N LYS B 414 -2.80 -23.21 22.28
CA LYS B 414 -3.50 -22.05 21.73
C LYS B 414 -2.81 -20.75 22.13
N LEU B 415 -2.18 -20.70 23.31
CA LEU B 415 -1.59 -19.47 23.82
C LEU B 415 -0.26 -19.10 23.15
N LEU B 416 0.34 -20.01 22.40
CA LEU B 416 1.57 -19.68 21.68
C LEU B 416 1.35 -19.36 20.21
N ASN B 417 0.11 -19.44 19.72
CA ASN B 417 -0.18 -19.43 18.28
C ASN B 417 -0.86 -18.13 17.85
N PRO B 418 -0.13 -17.20 17.23
CA PRO B 418 -0.74 -15.92 16.84
C PRO B 418 -1.90 -16.04 15.89
N ILE B 419 -2.00 -17.15 15.16
CA ILE B 419 -3.10 -17.26 14.19
C ILE B 419 -4.44 -17.25 14.91
N GLU B 420 -4.50 -17.85 16.10
CA GLU B 420 -5.73 -18.04 16.86
C GLU B 420 -6.29 -16.76 17.45
N TYR B 421 -5.59 -15.63 17.35
CA TYR B 421 -5.97 -14.42 18.05
C TYR B 421 -6.25 -13.23 17.14
N ILE B 422 -6.01 -13.36 15.83
CA ILE B 422 -5.99 -12.19 14.96
C ILE B 422 -7.36 -11.53 14.88
N ASN B 423 -8.41 -12.32 14.62
CA ASN B 423 -9.73 -11.76 14.42
C ASN B 423 -10.54 -11.61 15.71
N ASN B 424 -9.93 -11.78 16.88
CA ASN B 424 -10.69 -11.92 18.12
C ASN B 424 -9.88 -11.39 19.30
N SER B 425 -9.30 -10.20 19.14
CA SER B 425 -8.50 -9.58 20.20
C SER B 425 -8.18 -8.16 19.76
N ASP B 426 -7.48 -7.45 20.62
CA ASP B 426 -6.91 -6.17 20.24
C ASP B 426 -5.62 -6.46 19.49
N THR B 427 -5.72 -6.60 18.18
CA THR B 427 -4.58 -6.89 17.34
C THR B 427 -3.97 -5.58 16.85
N ALA B 428 -2.64 -5.54 16.80
CA ALA B 428 -1.95 -4.33 16.35
C ALA B 428 -2.33 -4.00 14.92
N LYS B 429 -2.31 -2.71 14.60
CA LYS B 429 -2.65 -2.29 13.25
C LYS B 429 -1.56 -2.71 12.27
N TYR B 430 -0.30 -2.47 12.63
CA TYR B 430 0.83 -2.47 11.72
C TYR B 430 1.76 -3.65 11.98
N TRP B 431 2.19 -4.30 10.90
CA TRP B 431 2.96 -5.54 10.96
C TRP B 431 4.06 -5.57 9.91
N ARG B 432 5.27 -5.91 10.34
CA ARG B 432 6.38 -6.14 9.43
C ARG B 432 6.86 -7.57 9.63
N VAL B 433 6.87 -8.36 8.55
CA VAL B 433 7.25 -9.77 8.61
C VAL B 433 8.33 -10.02 7.57
N ARG B 434 9.45 -10.63 8.00
CA ARG B 434 10.53 -10.99 7.10
C ARG B 434 10.94 -12.44 7.35
N HIS B 435 11.25 -13.15 6.27
CA HIS B 435 11.68 -14.55 6.35
C HIS B 435 12.54 -14.79 5.13
N GLY B 436 13.83 -15.06 5.32
CA GLY B 436 14.73 -15.27 4.19
C GLY B 436 14.19 -16.35 3.25
N ALA B 437 14.25 -16.10 1.94
CA ALA B 437 13.88 -17.14 0.99
C ALA B 437 14.75 -18.40 1.12
N PHE B 438 15.95 -18.30 1.71
CA PHE B 438 16.81 -19.46 1.88
C PHE B 438 16.78 -19.99 3.30
N ASP B 439 15.78 -19.59 4.07
CA ASP B 439 15.66 -19.95 5.48
C ASP B 439 14.74 -21.17 5.55
N ARG B 440 15.28 -22.31 5.98
CA ARG B 440 14.57 -23.58 5.95
C ARG B 440 14.27 -24.12 7.35
N ASP B 441 14.36 -23.27 8.38
CA ASP B 441 14.01 -23.69 9.74
C ASP B 441 12.53 -24.00 9.88
N ILE B 442 11.71 -23.46 8.97
CA ILE B 442 10.27 -23.65 8.98
C ILE B 442 9.84 -23.45 7.53
N SER B 443 8.69 -24.03 7.19
N SER B 443 8.68 -24.02 7.20
CA SER B 443 8.20 -23.90 5.82
CA SER B 443 8.16 -23.91 5.84
C SER B 443 7.81 -22.46 5.51
C SER B 443 7.78 -22.48 5.51
N LEU B 444 8.01 -22.08 4.25
CA LEU B 444 7.57 -20.76 3.79
C LEU B 444 6.06 -20.59 3.90
N ALA B 445 5.31 -21.69 4.07
CA ALA B 445 3.88 -21.56 4.31
C ALA B 445 3.57 -20.77 5.58
N MET B 446 4.39 -20.94 6.66
CA MET B 446 4.01 -20.36 7.95
C MET B 446 3.99 -18.85 7.93
N PRO B 447 5.06 -18.14 7.54
CA PRO B 447 4.97 -16.67 7.47
C PRO B 447 3.91 -16.17 6.50
N SER B 448 3.61 -16.96 5.46
CA SER B 448 2.58 -16.59 4.49
C SER B 448 1.19 -16.65 5.11
N ILE B 449 0.87 -17.77 5.77
CA ILE B 449 -0.38 -17.89 6.49
C ILE B 449 -0.51 -16.75 7.50
N LEU B 450 0.60 -16.38 8.14
CA LEU B 450 0.56 -15.24 9.07
C LEU B 450 0.23 -13.95 8.34
N SER B 451 0.98 -13.62 7.29
CA SER B 451 0.72 -12.39 6.55
C SER B 451 -0.69 -12.37 5.98
N LEU B 452 -1.13 -13.50 5.39
CA LEU B 452 -2.42 -13.53 4.71
C LEU B 452 -3.56 -13.36 5.70
N THR B 453 -3.51 -14.07 6.83
CA THR B 453 -4.56 -13.89 7.84
C THR B 453 -4.66 -12.43 8.26
N LEU B 454 -3.53 -11.74 8.37
CA LEU B 454 -3.57 -10.34 8.81
C LEU B 454 -4.21 -9.44 7.77
N GLU B 455 -3.80 -9.54 6.50
CA GLU B 455 -4.41 -8.72 5.46
C GLU B 455 -5.89 -9.06 5.30
N ASN B 456 -6.22 -10.35 5.30
CA ASN B 456 -7.61 -10.77 5.12
C ASN B 456 -8.53 -10.19 6.18
N ASN B 457 -8.00 -9.76 7.33
CA ASN B 457 -8.80 -9.13 8.38
C ASN B 457 -8.51 -7.65 8.53
N GLY B 458 -7.92 -7.04 7.51
CA GLY B 458 -7.81 -5.60 7.44
C GLY B 458 -6.58 -5.00 8.07
N TYR B 459 -5.64 -5.81 8.55
CA TYR B 459 -4.44 -5.25 9.16
C TYR B 459 -3.41 -4.95 8.08
N VAL B 460 -2.47 -4.07 8.42
CA VAL B 460 -1.54 -3.51 7.46
C VAL B 460 -0.22 -4.27 7.60
N VAL B 461 0.14 -5.00 6.55
CA VAL B 461 1.27 -5.94 6.59
C VAL B 461 2.27 -5.56 5.51
N ASP B 462 3.48 -5.24 5.93
CA ASP B 462 4.63 -5.19 5.05
C ASP B 462 5.33 -6.55 5.15
N PHE B 463 5.29 -7.35 4.09
CA PHE B 463 5.77 -8.73 4.11
C PHE B 463 6.64 -9.00 2.89
N SER B 464 7.79 -9.61 3.12
CA SER B 464 8.76 -9.87 2.07
C SER B 464 9.60 -11.11 2.39
N LEU B 465 10.10 -11.79 1.35
CA LEU B 465 11.09 -12.86 1.49
C LEU B 465 12.41 -12.40 0.87
N PRO B 466 13.32 -11.84 1.66
CA PRO B 466 14.59 -11.34 1.08
C PRO B 466 15.39 -12.46 0.43
N TRP B 467 15.80 -12.22 -0.82
CA TRP B 467 16.49 -13.25 -1.59
C TRP B 467 17.80 -13.66 -0.90
N GLY B 468 18.05 -14.96 -0.89
CA GLY B 468 19.31 -15.51 -0.42
C GLY B 468 19.59 -15.37 1.07
N ILE B 469 18.64 -14.88 1.86
CA ILE B 469 18.90 -14.66 3.28
C ILE B 469 18.66 -15.96 4.03
N PRO B 470 19.58 -16.39 4.89
CA PRO B 470 19.37 -17.61 5.68
C PRO B 470 18.54 -17.36 6.92
N HIS B 471 18.67 -18.24 7.92
CA HIS B 471 17.97 -18.08 9.17
C HIS B 471 18.74 -17.08 10.02
N SER B 472 18.19 -15.88 10.17
CA SER B 472 18.84 -14.78 10.89
C SER B 472 17.79 -13.69 11.12
N GLY B 473 18.25 -12.56 11.66
CA GLY B 473 17.35 -11.45 11.89
C GLY B 473 18.13 -10.16 12.01
N ASP B 474 17.39 -9.06 12.11
CA ASP B 474 17.95 -7.73 12.36
C ASP B 474 19.01 -7.32 11.34
N TYR B 475 18.86 -7.78 10.09
CA TYR B 475 19.81 -7.44 9.02
C TYR B 475 19.42 -6.18 8.22
N ASP B 476 18.23 -5.61 8.44
CA ASP B 476 17.78 -4.42 7.73
C ASP B 476 17.26 -3.36 8.72
N LEU B 477 18.06 -3.07 9.76
CA LEU B 477 17.60 -2.21 10.85
C LEU B 477 17.26 -0.80 10.36
N ASP B 478 17.97 -0.29 9.36
CA ASP B 478 17.58 0.97 8.74
C ASP B 478 16.15 0.92 8.23
N ASP B 479 15.81 -0.12 7.43
CA ASP B 479 14.46 -0.22 6.89
C ASP B 479 13.44 -0.43 8.00
N LEU B 480 13.81 -1.17 9.04
CA LEU B 480 12.93 -1.34 10.19
C LEU B 480 12.61 0.00 10.84
N PHE B 481 13.63 0.84 11.04
CA PHE B 481 13.39 2.14 11.66
C PHE B 481 12.63 3.07 10.71
N ALA B 482 12.91 2.99 9.41
CA ALA B 482 12.14 3.76 8.43
C ALA B 482 10.67 3.38 8.44
N TRP B 483 10.38 2.09 8.50
CA TRP B 483 9.00 1.62 8.61
C TRP B 483 8.36 2.18 9.88
N ILE B 484 9.07 2.11 11.00
CA ILE B 484 8.52 2.60 12.27
C ILE B 484 8.19 4.08 12.16
N ASP B 485 9.15 4.87 11.66
CA ASP B 485 8.96 6.31 11.50
C ASP B 485 7.80 6.63 10.57
N GLU B 486 7.54 5.79 9.56
CA GLU B 486 6.45 6.07 8.64
C GLU B 486 5.10 5.78 9.27
N ILE B 487 4.91 4.58 9.82
CA ILE B 487 3.62 4.23 10.39
C ILE B 487 3.27 5.15 11.56
N TYR B 488 4.26 5.81 12.16
CA TYR B 488 4.02 6.74 13.26
C TYR B 488 3.46 8.08 12.79
N THR B 489 3.87 8.54 11.61
CA THR B 489 3.29 9.70 10.95
C THR B 489 2.03 9.37 10.16
N LYS B 490 1.55 8.13 10.21
CA LYS B 490 0.39 7.70 9.45
C LYS B 490 -0.90 8.00 10.19
C1 PEG C . -15.01 30.93 -11.75
O1 PEG C . -15.26 31.26 -10.39
C2 PEG C . -14.70 32.17 -12.53
O2 PEG C . -14.57 31.90 -13.91
C3 PEG C . -14.80 33.04 -14.73
C4 PEG C . -15.42 32.63 -16.03
O4 PEG C . -15.64 33.77 -16.85
C1 EDO D . -9.19 -3.00 -33.03
O1 EDO D . -9.39 -1.91 -32.11
C2 EDO D . -9.55 -2.52 -34.43
O2 EDO D . -10.43 -3.46 -35.08
C1 EDO E . -15.06 22.54 -13.77
O1 EDO E . -15.02 21.25 -13.10
C2 EDO E . -13.88 22.63 -14.75
O2 EDO E . -13.67 23.94 -15.29
C1 EDO F . 3.94 40.18 -11.37
O1 EDO F . 4.40 41.49 -11.69
C2 EDO F . 2.49 40.19 -10.87
O2 EDO F . 1.59 40.68 -11.89
C1 EDO G . -8.25 42.05 -0.22
O1 EDO G . -7.07 42.74 -0.60
C2 EDO G . -9.40 42.42 -1.15
O2 EDO G . -10.35 41.35 -1.10
C1 PEG H . -10.27 -5.97 3.56
O1 PEG H . -11.08 -7.11 3.27
C2 PEG H . -10.72 -4.78 2.76
O2 PEG H . -9.76 -3.73 2.89
C3 PEG H . -10.33 -2.43 2.87
C4 PEG H . -9.54 -1.52 3.74
O4 PEG H . -10.11 -0.22 3.80
C1 PEG I . -15.01 -21.57 -32.98
O1 PEG I . -15.85 -21.90 -34.09
C2 PEG I . -15.80 -21.39 -31.71
O2 PEG I . -16.53 -22.58 -31.43
C3 PEG I . -17.18 -22.60 -30.15
C4 PEG I . -16.39 -23.46 -29.20
O4 PEG I . -16.96 -23.45 -27.89
C1 EDO J . 15.38 30.50 -16.34
O1 EDO J . 16.35 30.57 -17.39
C2 EDO J . 13.96 30.53 -16.91
O2 EDO J . 13.77 29.40 -17.79
C1 EDO K . -17.16 -2.34 4.14
O1 EDO K . -18.26 -1.65 3.53
C2 EDO K . -16.60 -1.48 5.28
O2 EDO K . -15.90 -0.37 4.74
C1 EDO L . 16.33 29.02 -20.67
O1 EDO L . 16.08 27.78 -19.99
C2 EDO L . 16.35 28.81 -22.18
O2 EDO L . 15.20 28.04 -22.57
C1 PEG M . -33.87 -16.94 -24.17
O1 PEG M . -32.91 -17.85 -23.65
C2 PEG M . -33.21 -15.77 -24.84
O2 PEG M . -32.53 -14.98 -23.88
C3 PEG M . -32.21 -13.67 -24.35
C4 PEG M . -33.47 -12.86 -24.47
O4 PEG M . -33.31 -11.76 -25.35
C1 EDO N . 5.63 -28.19 -2.57
O1 EDO N . 7.04 -27.90 -2.47
C2 EDO N . 5.38 -29.34 -3.55
O2 EDO N . 4.01 -29.74 -3.47
C1 EDO O . 14.05 -22.81 16.81
O1 EDO O . 12.90 -22.82 17.69
C2 EDO O . 13.96 -23.93 15.77
O2 EDO O . 14.98 -23.71 14.79
C1 PEG P . 14.48 -32.65 13.69
O1 PEG P . 14.21 -32.11 14.98
C2 PEG P . 15.45 -31.81 12.91
O2 PEG P . 16.50 -32.61 12.37
C3 PEG P . 17.52 -31.88 11.68
C4 PEG P . 18.89 -32.24 12.17
O4 PEG P . 19.02 -33.61 12.57
C1 EDO Q . 19.33 -16.34 14.87
O1 EDO Q . 18.62 -17.17 15.80
C2 EDO Q . 20.46 -17.15 14.23
O2 EDO Q . 21.03 -16.42 13.13
C1 EDO R . -9.96 -17.15 -7.61
O1 EDO R . -11.06 -17.38 -6.72
C2 EDO R . -10.39 -17.29 -9.07
O2 EDO R . -11.02 -16.08 -9.55
#